data_1AGH
# 
_entry.id   1AGH 
# 
_audit_conform.dict_name       mmcif_pdbx.dic 
_audit_conform.dict_version    5.392 
_audit_conform.dict_location   http://mmcif.pdb.org/dictionaries/ascii/mmcif_pdbx.dic 
# 
loop_
_database_2.database_id 
_database_2.database_code 
_database_2.pdbx_database_accession 
_database_2.pdbx_DOI 
PDB   1AGH         pdb_00001agh 10.2210/pdb1agh/pdb 
WWPDB D_1000170786 ?            ?                   
# 
loop_
_pdbx_audit_revision_history.ordinal 
_pdbx_audit_revision_history.data_content_type 
_pdbx_audit_revision_history.major_revision 
_pdbx_audit_revision_history.minor_revision 
_pdbx_audit_revision_history.revision_date 
1 'Structure model' 1 0 1997-09-17 
2 'Structure model' 1 1 2008-03-24 
3 'Structure model' 1 2 2011-07-13 
4 'Structure model' 1 3 2022-02-16 
5 'Structure model' 1 4 2024-05-22 
# 
_pdbx_audit_revision_details.ordinal             1 
_pdbx_audit_revision_details.revision_ordinal    1 
_pdbx_audit_revision_details.data_content_type   'Structure model' 
_pdbx_audit_revision_details.provider            repository 
_pdbx_audit_revision_details.type                'Initial release' 
_pdbx_audit_revision_details.description         ? 
_pdbx_audit_revision_details.details             ? 
# 
loop_
_pdbx_audit_revision_group.ordinal 
_pdbx_audit_revision_group.revision_ordinal 
_pdbx_audit_revision_group.data_content_type 
_pdbx_audit_revision_group.group 
1 2 'Structure model' 'Version format compliance' 
2 3 'Structure model' 'Version format compliance' 
3 4 'Structure model' 'Data collection'           
4 4 'Structure model' 'Database references'       
5 4 'Structure model' 'Derived calculations'      
6 4 'Structure model' Other                       
7 5 'Structure model' 'Data collection'           
# 
loop_
_pdbx_audit_revision_category.ordinal 
_pdbx_audit_revision_category.revision_ordinal 
_pdbx_audit_revision_category.data_content_type 
_pdbx_audit_revision_category.category 
1 4 'Structure model' database_2            
2 4 'Structure model' pdbx_database_status  
3 4 'Structure model' pdbx_nmr_software     
4 4 'Structure model' pdbx_struct_assembly  
5 4 'Structure model' pdbx_struct_oper_list 
6 5 'Structure model' chem_comp_atom        
7 5 'Structure model' chem_comp_bond        
# 
loop_
_pdbx_audit_revision_item.ordinal 
_pdbx_audit_revision_item.revision_ordinal 
_pdbx_audit_revision_item.data_content_type 
_pdbx_audit_revision_item.item 
1 4 'Structure model' '_database_2.pdbx_DOI'                
2 4 'Structure model' '_database_2.pdbx_database_accession' 
3 4 'Structure model' '_pdbx_database_status.process_site'  
4 4 'Structure model' '_pdbx_nmr_software.name'             
# 
_pdbx_database_status.status_code                     REL 
_pdbx_database_status.entry_id                        1AGH 
_pdbx_database_status.recvd_initial_deposition_date   1997-03-25 
_pdbx_database_status.deposit_site                    ? 
_pdbx_database_status.process_site                    BNL 
_pdbx_database_status.SG_entry                        . 
_pdbx_database_status.pdb_format_compatible           Y 
_pdbx_database_status.status_code_mr                  ? 
_pdbx_database_status.status_code_sf                  ? 
_pdbx_database_status.status_code_cs                  ? 
_pdbx_database_status.status_code_nmr_data            ? 
_pdbx_database_status.methods_development_category    ? 
# 
loop_
_audit_author.name 
_audit_author.pdbx_ordinal 
'Feng, B.'    1 
'Stone, M.P.' 2 
# 
_citation.id                        primary 
_citation.title                     
;Solution structure of an oligodeoxynucleotide containing the human n-ras codon 61 sequence refined from 1H NMR using molecular dynamics restrained by nuclear Overhauser effects.
;
_citation.journal_abbrev            Chem.Res.Toxicol. 
_citation.journal_volume            8 
_citation.page_first                821 
_citation.page_last                 832 
_citation.year                      1995 
_citation.journal_id_ASTM           CRTOEC 
_citation.country                   US 
_citation.journal_id_ISSN           0893-228X 
_citation.journal_id_CSD            2140 
_citation.book_publisher            ? 
_citation.pdbx_database_id_PubMed   7492731 
_citation.pdbx_database_id_DOI      10.1021/tx00048a002 
# 
loop_
_citation_author.citation_id 
_citation_author.name 
_citation_author.ordinal 
_citation_author.identifier_ORCID 
primary 'Feng, B.'    1 ? 
primary 'Stone, M.P.' 2 ? 
# 
loop_
_entity.id 
_entity.type 
_entity.src_method 
_entity.pdbx_description 
_entity.formula_weight 
_entity.pdbx_number_of_molecules 
_entity.pdbx_ec 
_entity.pdbx_mutation 
_entity.pdbx_fragment 
_entity.details 
1 polymer syn 
;DNA (5'-D(*CP*GP*GP*AP*CP*AP*AP*GP*AP*AP*G)-3')
;
3416.263 1 ? ? ? 'HUMAN N-RAS PROTOONCOGENE' 
2 polymer syn 
;DNA (5'-D(*CP*TP*TP*CP*TP*TP*GP*TP*CP*CP*G)-3')
;
3291.145 1 ? ? ? 'HUMAN N-RAS PROTOONCOGENE' 
# 
loop_
_entity_poly.entity_id 
_entity_poly.type 
_entity_poly.nstd_linkage 
_entity_poly.nstd_monomer 
_entity_poly.pdbx_seq_one_letter_code 
_entity_poly.pdbx_seq_one_letter_code_can 
_entity_poly.pdbx_strand_id 
_entity_poly.pdbx_target_identifier 
1 polydeoxyribonucleotide no no '(DC)(DG)(DG)(DA)(DC)(DA)(DA)(DG)(DA)(DA)(DG)' CGGACAAGAAG A ? 
2 polydeoxyribonucleotide no no '(DC)(DT)(DT)(DC)(DT)(DT)(DG)(DT)(DC)(DC)(DG)' CTTCTTGTCCG B ? 
# 
loop_
_entity_poly_seq.entity_id 
_entity_poly_seq.num 
_entity_poly_seq.mon_id 
_entity_poly_seq.hetero 
1 1  DC n 
1 2  DG n 
1 3  DG n 
1 4  DA n 
1 5  DC n 
1 6  DA n 
1 7  DA n 
1 8  DG n 
1 9  DA n 
1 10 DA n 
1 11 DG n 
2 1  DC n 
2 2  DT n 
2 3  DT n 
2 4  DC n 
2 5  DT n 
2 6  DT n 
2 7  DG n 
2 8  DT n 
2 9  DC n 
2 10 DC n 
2 11 DG n 
# 
loop_
_chem_comp.id 
_chem_comp.type 
_chem_comp.mon_nstd_flag 
_chem_comp.name 
_chem_comp.pdbx_synonyms 
_chem_comp.formula 
_chem_comp.formula_weight 
DA 'DNA linking' y "2'-DEOXYADENOSINE-5'-MONOPHOSPHATE" ? 'C10 H14 N5 O6 P' 331.222 
DC 'DNA linking' y "2'-DEOXYCYTIDINE-5'-MONOPHOSPHATE"  ? 'C9 H14 N3 O7 P'  307.197 
DG 'DNA linking' y "2'-DEOXYGUANOSINE-5'-MONOPHOSPHATE" ? 'C10 H14 N5 O7 P' 347.221 
DT 'DNA linking' y "THYMIDINE-5'-MONOPHOSPHATE"         ? 'C10 H15 N2 O8 P' 322.208 
# 
loop_
_pdbx_poly_seq_scheme.asym_id 
_pdbx_poly_seq_scheme.entity_id 
_pdbx_poly_seq_scheme.seq_id 
_pdbx_poly_seq_scheme.mon_id 
_pdbx_poly_seq_scheme.ndb_seq_num 
_pdbx_poly_seq_scheme.pdb_seq_num 
_pdbx_poly_seq_scheme.auth_seq_num 
_pdbx_poly_seq_scheme.pdb_mon_id 
_pdbx_poly_seq_scheme.auth_mon_id 
_pdbx_poly_seq_scheme.pdb_strand_id 
_pdbx_poly_seq_scheme.pdb_ins_code 
_pdbx_poly_seq_scheme.hetero 
A 1 1  DC 1  1  1  DC C A . n 
A 1 2  DG 2  2  2  DG G A . n 
A 1 3  DG 3  3  3  DG G A . n 
A 1 4  DA 4  4  4  DA A A . n 
A 1 5  DC 5  5  5  DC C A . n 
A 1 6  DA 6  6  6  DA A A . n 
A 1 7  DA 7  7  7  DA A A . n 
A 1 8  DG 8  8  8  DG G A . n 
A 1 9  DA 9  9  9  DA A A . n 
A 1 10 DA 10 10 10 DA A A . n 
A 1 11 DG 11 11 11 DG G A . n 
B 2 1  DC 1  12 12 DC C B . n 
B 2 2  DT 2  13 13 DT T B . n 
B 2 3  DT 3  14 14 DT T B . n 
B 2 4  DC 4  15 15 DC C B . n 
B 2 5  DT 5  16 16 DT T B . n 
B 2 6  DT 6  17 17 DT T B . n 
B 2 7  DG 7  18 18 DG G B . n 
B 2 8  DT 8  19 19 DT T B . n 
B 2 9  DC 9  20 20 DC C B . n 
B 2 10 DC 10 21 21 DC C B . n 
B 2 11 DG 11 22 22 DG G B . n 
# 
loop_
_software.name 
_software.classification 
_software.version 
_software.citation_id 
_software.pdbx_ordinal 
X-PLOR 'model building' 3.1 ? 1 
X-PLOR refinement       3.1 ? 2 
X-PLOR phasing          3.1 ? 3 
# 
_cell.entry_id           1AGH 
_cell.length_a           1.000 
_cell.length_b           1.000 
_cell.length_c           1.000 
_cell.angle_alpha        90.00 
_cell.angle_beta         90.00 
_cell.angle_gamma        90.00 
_cell.Z_PDB              1 
_cell.pdbx_unique_axis   ? 
# 
_symmetry.entry_id                         1AGH 
_symmetry.space_group_name_H-M             'P 1' 
_symmetry.pdbx_full_space_group_name_H-M   ? 
_symmetry.cell_setting                     ? 
_symmetry.Int_Tables_number                1 
# 
_exptl.entry_id          1AGH 
_exptl.method            'SOLUTION NMR' 
_exptl.crystals_number   ? 
# 
_struct.entry_id                  1AGH 
_struct.title                     
;THE SOLUTION STRUCTURE OF AN 11 BASE-PAIR OLIGONUCLEOTIDE DUPLEX CODING FOR AMINO ACIDS 60-62 OF THE PRODUCT OF THE N-RAS PROTOONCOGENE, NMR, MINIMIZED AVERAGE STRUCTURE
;
_struct.pdbx_model_details        ? 
_struct.pdbx_CASP_flag            ? 
_struct.pdbx_model_type_details   ? 
# 
_struct_keywords.entry_id        1AGH 
_struct_keywords.pdbx_keywords   DNA 
_struct_keywords.text            'DNA DUPLEX, B-DNA, HUMAN N-RAS GENE, CODON 61 SEQUENCE, DEOXYRIBONUCLEIC ACID, DNA' 
# 
loop_
_struct_asym.id 
_struct_asym.pdbx_blank_PDB_chainid_flag 
_struct_asym.pdbx_modified 
_struct_asym.entity_id 
_struct_asym.details 
A N N 1 ? 
B N N 2 ? 
# 
loop_
_struct_ref.id 
_struct_ref.entity_id 
_struct_ref.db_name 
_struct_ref.db_code 
_struct_ref.pdbx_db_accession 
_struct_ref.pdbx_db_isoform 
_struct_ref.pdbx_seq_one_letter_code 
_struct_ref.pdbx_align_begin 
1 1 PDB 1AGH 1AGH ? ? ? 
2 2 PDB 1AGH 1AGH ? ? ? 
# 
loop_
_struct_ref_seq.align_id 
_struct_ref_seq.ref_id 
_struct_ref_seq.pdbx_PDB_id_code 
_struct_ref_seq.pdbx_strand_id 
_struct_ref_seq.seq_align_beg 
_struct_ref_seq.pdbx_seq_align_beg_ins_code 
_struct_ref_seq.seq_align_end 
_struct_ref_seq.pdbx_seq_align_end_ins_code 
_struct_ref_seq.pdbx_db_accession 
_struct_ref_seq.db_align_beg 
_struct_ref_seq.pdbx_db_align_beg_ins_code 
_struct_ref_seq.db_align_end 
_struct_ref_seq.pdbx_db_align_end_ins_code 
_struct_ref_seq.pdbx_auth_seq_align_beg 
_struct_ref_seq.pdbx_auth_seq_align_end 
1 1 1AGH A 1 ? 11 ? 1AGH 1  ? 11 ? 1  11 
2 2 1AGH B 1 ? 11 ? 1AGH 12 ? 22 ? 12 22 
# 
_pdbx_struct_assembly.id                   1 
_pdbx_struct_assembly.details              author_defined_assembly 
_pdbx_struct_assembly.method_details       ? 
_pdbx_struct_assembly.oligomeric_details   dimeric 
_pdbx_struct_assembly.oligomeric_count     2 
# 
_pdbx_struct_assembly_gen.assembly_id       1 
_pdbx_struct_assembly_gen.oper_expression   1 
_pdbx_struct_assembly_gen.asym_id_list      A,B 
# 
_pdbx_struct_oper_list.id                   1 
_pdbx_struct_oper_list.type                 'identity operation' 
_pdbx_struct_oper_list.name                 1_555 
_pdbx_struct_oper_list.symmetry_operation   x,y,z 
_pdbx_struct_oper_list.matrix[1][1]         1.0000000000 
_pdbx_struct_oper_list.matrix[1][2]         0.0000000000 
_pdbx_struct_oper_list.matrix[1][3]         0.0000000000 
_pdbx_struct_oper_list.vector[1]            0.0000000000 
_pdbx_struct_oper_list.matrix[2][1]         0.0000000000 
_pdbx_struct_oper_list.matrix[2][2]         1.0000000000 
_pdbx_struct_oper_list.matrix[2][3]         0.0000000000 
_pdbx_struct_oper_list.vector[2]            0.0000000000 
_pdbx_struct_oper_list.matrix[3][1]         0.0000000000 
_pdbx_struct_oper_list.matrix[3][2]         0.0000000000 
_pdbx_struct_oper_list.matrix[3][3]         1.0000000000 
_pdbx_struct_oper_list.vector[3]            0.0000000000 
# 
_struct_biol.id   1 
# 
loop_
_struct_conn.id 
_struct_conn.conn_type_id 
_struct_conn.pdbx_leaving_atom_flag 
_struct_conn.pdbx_PDB_id 
_struct_conn.ptnr1_label_asym_id 
_struct_conn.ptnr1_label_comp_id 
_struct_conn.ptnr1_label_seq_id 
_struct_conn.ptnr1_label_atom_id 
_struct_conn.pdbx_ptnr1_label_alt_id 
_struct_conn.pdbx_ptnr1_PDB_ins_code 
_struct_conn.pdbx_ptnr1_standard_comp_id 
_struct_conn.ptnr1_symmetry 
_struct_conn.ptnr2_label_asym_id 
_struct_conn.ptnr2_label_comp_id 
_struct_conn.ptnr2_label_seq_id 
_struct_conn.ptnr2_label_atom_id 
_struct_conn.pdbx_ptnr2_label_alt_id 
_struct_conn.pdbx_ptnr2_PDB_ins_code 
_struct_conn.ptnr1_auth_asym_id 
_struct_conn.ptnr1_auth_comp_id 
_struct_conn.ptnr1_auth_seq_id 
_struct_conn.ptnr2_auth_asym_id 
_struct_conn.ptnr2_auth_comp_id 
_struct_conn.ptnr2_auth_seq_id 
_struct_conn.ptnr2_symmetry 
_struct_conn.pdbx_ptnr3_label_atom_id 
_struct_conn.pdbx_ptnr3_label_seq_id 
_struct_conn.pdbx_ptnr3_label_comp_id 
_struct_conn.pdbx_ptnr3_label_asym_id 
_struct_conn.pdbx_ptnr3_label_alt_id 
_struct_conn.pdbx_ptnr3_PDB_ins_code 
_struct_conn.details 
_struct_conn.pdbx_dist_value 
_struct_conn.pdbx_value_order 
_struct_conn.pdbx_role 
hydrog1  hydrog ? ? A DC 1  N3 ? ? ? 1_555 B DG 11 N1 ? ? A DC 1  B DG 22 1_555 ? ? ? ? ? ? WATSON-CRICK ? ? ? 
hydrog2  hydrog ? ? A DC 1  N4 ? ? ? 1_555 B DG 11 O6 ? ? A DC 1  B DG 22 1_555 ? ? ? ? ? ? WATSON-CRICK ? ? ? 
hydrog3  hydrog ? ? A DC 1  O2 ? ? ? 1_555 B DG 11 N2 ? ? A DC 1  B DG 22 1_555 ? ? ? ? ? ? WATSON-CRICK ? ? ? 
hydrog4  hydrog ? ? A DG 2  N1 ? ? ? 1_555 B DC 10 N3 ? ? A DG 2  B DC 21 1_555 ? ? ? ? ? ? WATSON-CRICK ? ? ? 
hydrog5  hydrog ? ? A DG 2  N2 ? ? ? 1_555 B DC 10 O2 ? ? A DG 2  B DC 21 1_555 ? ? ? ? ? ? WATSON-CRICK ? ? ? 
hydrog6  hydrog ? ? A DG 2  O6 ? ? ? 1_555 B DC 10 N4 ? ? A DG 2  B DC 21 1_555 ? ? ? ? ? ? WATSON-CRICK ? ? ? 
hydrog7  hydrog ? ? A DG 3  N1 ? ? ? 1_555 B DC 9  N3 ? ? A DG 3  B DC 20 1_555 ? ? ? ? ? ? WATSON-CRICK ? ? ? 
hydrog8  hydrog ? ? A DG 3  N2 ? ? ? 1_555 B DC 9  O2 ? ? A DG 3  B DC 20 1_555 ? ? ? ? ? ? WATSON-CRICK ? ? ? 
hydrog9  hydrog ? ? A DG 3  O6 ? ? ? 1_555 B DC 9  N4 ? ? A DG 3  B DC 20 1_555 ? ? ? ? ? ? WATSON-CRICK ? ? ? 
hydrog10 hydrog ? ? A DA 4  N1 ? ? ? 1_555 B DT 8  N3 ? ? A DA 4  B DT 19 1_555 ? ? ? ? ? ? WATSON-CRICK ? ? ? 
hydrog11 hydrog ? ? A DA 4  N6 ? ? ? 1_555 B DT 8  O4 ? ? A DA 4  B DT 19 1_555 ? ? ? ? ? ? WATSON-CRICK ? ? ? 
hydrog12 hydrog ? ? A DC 5  N3 ? ? ? 1_555 B DG 7  N1 ? ? A DC 5  B DG 18 1_555 ? ? ? ? ? ? WATSON-CRICK ? ? ? 
hydrog13 hydrog ? ? A DC 5  N4 ? ? ? 1_555 B DG 7  O6 ? ? A DC 5  B DG 18 1_555 ? ? ? ? ? ? WATSON-CRICK ? ? ? 
hydrog14 hydrog ? ? A DC 5  O2 ? ? ? 1_555 B DG 7  N2 ? ? A DC 5  B DG 18 1_555 ? ? ? ? ? ? WATSON-CRICK ? ? ? 
hydrog15 hydrog ? ? A DA 6  N1 ? ? ? 1_555 B DT 6  N3 ? ? A DA 6  B DT 17 1_555 ? ? ? ? ? ? WATSON-CRICK ? ? ? 
hydrog16 hydrog ? ? A DA 6  N6 ? ? ? 1_555 B DT 6  O4 ? ? A DA 6  B DT 17 1_555 ? ? ? ? ? ? WATSON-CRICK ? ? ? 
hydrog17 hydrog ? ? A DA 7  N1 ? ? ? 1_555 B DT 5  N3 ? ? A DA 7  B DT 16 1_555 ? ? ? ? ? ? WATSON-CRICK ? ? ? 
hydrog18 hydrog ? ? A DA 7  N6 ? ? ? 1_555 B DT 5  O4 ? ? A DA 7  B DT 16 1_555 ? ? ? ? ? ? WATSON-CRICK ? ? ? 
hydrog19 hydrog ? ? A DG 8  N1 ? ? ? 1_555 B DC 4  N3 ? ? A DG 8  B DC 15 1_555 ? ? ? ? ? ? WATSON-CRICK ? ? ? 
hydrog20 hydrog ? ? A DG 8  N2 ? ? ? 1_555 B DC 4  O2 ? ? A DG 8  B DC 15 1_555 ? ? ? ? ? ? WATSON-CRICK ? ? ? 
hydrog21 hydrog ? ? A DG 8  O6 ? ? ? 1_555 B DC 4  N4 ? ? A DG 8  B DC 15 1_555 ? ? ? ? ? ? WATSON-CRICK ? ? ? 
hydrog22 hydrog ? ? A DA 9  N1 ? ? ? 1_555 B DT 3  N3 ? ? A DA 9  B DT 14 1_555 ? ? ? ? ? ? WATSON-CRICK ? ? ? 
hydrog23 hydrog ? ? A DA 9  N6 ? ? ? 1_555 B DT 3  O4 ? ? A DA 9  B DT 14 1_555 ? ? ? ? ? ? WATSON-CRICK ? ? ? 
hydrog24 hydrog ? ? A DA 10 N1 ? ? ? 1_555 B DT 2  N3 ? ? A DA 10 B DT 13 1_555 ? ? ? ? ? ? WATSON-CRICK ? ? ? 
hydrog25 hydrog ? ? A DA 10 N6 ? ? ? 1_555 B DT 2  O4 ? ? A DA 10 B DT 13 1_555 ? ? ? ? ? ? WATSON-CRICK ? ? ? 
hydrog26 hydrog ? ? A DG 11 N1 ? ? ? 1_555 B DC 1  N3 ? ? A DG 11 B DC 12 1_555 ? ? ? ? ? ? WATSON-CRICK ? ? ? 
hydrog27 hydrog ? ? A DG 11 N2 ? ? ? 1_555 B DC 1  O2 ? ? A DG 11 B DC 12 1_555 ? ? ? ? ? ? WATSON-CRICK ? ? ? 
hydrog28 hydrog ? ? A DG 11 O6 ? ? ? 1_555 B DC 1  N4 ? ? A DG 11 B DC 12 1_555 ? ? ? ? ? ? WATSON-CRICK ? ? ? 
# 
_struct_conn_type.id          hydrog 
_struct_conn_type.criteria    ? 
_struct_conn_type.reference   ? 
# 
loop_
_pdbx_validate_rmsd_angle.id 
_pdbx_validate_rmsd_angle.PDB_model_num 
_pdbx_validate_rmsd_angle.auth_atom_id_1 
_pdbx_validate_rmsd_angle.auth_asym_id_1 
_pdbx_validate_rmsd_angle.auth_comp_id_1 
_pdbx_validate_rmsd_angle.auth_seq_id_1 
_pdbx_validate_rmsd_angle.PDB_ins_code_1 
_pdbx_validate_rmsd_angle.label_alt_id_1 
_pdbx_validate_rmsd_angle.auth_atom_id_2 
_pdbx_validate_rmsd_angle.auth_asym_id_2 
_pdbx_validate_rmsd_angle.auth_comp_id_2 
_pdbx_validate_rmsd_angle.auth_seq_id_2 
_pdbx_validate_rmsd_angle.PDB_ins_code_2 
_pdbx_validate_rmsd_angle.label_alt_id_2 
_pdbx_validate_rmsd_angle.auth_atom_id_3 
_pdbx_validate_rmsd_angle.auth_asym_id_3 
_pdbx_validate_rmsd_angle.auth_comp_id_3 
_pdbx_validate_rmsd_angle.auth_seq_id_3 
_pdbx_validate_rmsd_angle.PDB_ins_code_3 
_pdbx_validate_rmsd_angle.label_alt_id_3 
_pdbx_validate_rmsd_angle.angle_value 
_pdbx_validate_rmsd_angle.angle_target_value 
_pdbx_validate_rmsd_angle.angle_deviation 
_pdbx_validate_rmsd_angle.angle_standard_deviation 
_pdbx_validate_rmsd_angle.linker_flag 
1  1 "O4'" A DC 1  ? ? "C1'" A DC 1  ? ? N1    A DC 1  ? ? 111.17 108.30 2.87   0.30 N 
2  1 "O4'" A DG 2  ? ? "C1'" A DG 2  ? ? N9    A DG 2  ? ? 110.66 108.30 2.36   0.30 N 
3  1 N7    A DG 2  ? ? C8    A DG 2  ? ? N9    A DG 2  ? ? 117.65 113.10 4.55   0.50 N 
4  1 C8    A DG 2  ? ? N9    A DG 2  ? ? C4    A DG 2  ? ? 102.81 106.40 -3.59  0.40 N 
5  1 N7    A DG 3  ? ? C8    A DG 3  ? ? N9    A DG 3  ? ? 117.40 113.10 4.30   0.50 N 
6  1 C8    A DG 3  ? ? N9    A DG 3  ? ? C4    A DG 3  ? ? 103.94 106.40 -2.46  0.40 N 
7  1 "O4'" A DA 4  ? ? "C1'" A DA 4  ? ? N9    A DA 4  ? ? 111.15 108.30 2.85   0.30 N 
8  1 N7    A DA 4  ? ? C8    A DA 4  ? ? N9    A DA 4  ? ? 117.42 113.80 3.62   0.50 N 
9  1 "O4'" A DC 5  ? ? "C1'" A DC 5  ? ? N1    A DC 5  ? ? 110.87 108.30 2.57   0.30 N 
10 1 "O4'" A DA 6  ? ? "C1'" A DA 6  ? ? N9    A DA 6  ? ? 111.06 108.30 2.76   0.30 N 
11 1 N7    A DA 6  ? ? C8    A DA 6  ? ? N9    A DA 6  ? ? 117.51 113.80 3.71   0.50 N 
12 1 "O4'" A DA 7  ? ? "C1'" A DA 7  ? ? N9    A DA 7  ? ? 111.17 108.30 2.87   0.30 N 
13 1 N7    A DA 7  ? ? C8    A DA 7  ? ? N9    A DA 7  ? ? 117.35 113.80 3.55   0.50 N 
14 1 "O4'" A DG 8  ? ? "C1'" A DG 8  ? ? N9    A DG 8  ? ? 112.14 108.30 3.84   0.30 N 
15 1 N7    A DG 8  ? ? C8    A DG 8  ? ? N9    A DG 8  ? ? 117.60 113.10 4.50   0.50 N 
16 1 C8    A DG 8  ? ? N9    A DG 8  ? ? C4    A DG 8  ? ? 103.55 106.40 -2.85  0.40 N 
17 1 "O3'" A DG 8  ? ? P     A DA 9  ? ? "O5'" A DA 9  ? ? 66.98  104.00 -37.02 1.90 Y 
18 1 "O3'" A DG 8  ? ? P     A DA 9  ? ? OP2   A DA 9  ? ? 76.77  105.20 -28.43 2.20 Y 
19 1 "O3'" A DG 8  ? ? P     A DA 9  ? ? OP1   A DA 9  ? ? 128.90 110.50 18.40  1.10 Y 
20 1 OP1   A DA 9  ? ? P     A DA 9  ? ? OP2   A DA 9  ? ? 97.33  119.60 -22.27 1.50 N 
21 1 "O5'" A DA 9  ? ? P     A DA 9  ? ? OP1   A DA 9  ? ? 83.25  105.70 -22.45 0.90 N 
22 1 "O5'" A DA 9  ? ? P     A DA 9  ? ? OP2   A DA 9  ? ? 132.29 110.70 21.59  1.20 N 
23 1 "O4'" A DA 9  ? ? "C1'" A DA 9  ? ? N9    A DA 9  ? ? 110.30 108.30 2.00   0.30 N 
24 1 N7    A DA 9  ? ? C8    A DA 9  ? ? N9    A DA 9  ? ? 117.68 113.80 3.88   0.50 N 
25 1 "O4'" A DA 10 ? ? "C1'" A DA 10 ? ? N9    A DA 10 ? ? 111.22 108.30 2.92   0.30 N 
26 1 N7    A DA 10 ? ? C8    A DA 10 ? ? N9    A DA 10 ? ? 117.62 113.80 3.82   0.50 N 
27 1 C8    A DA 10 ? ? N9    A DA 10 ? ? C4    A DA 10 ? ? 103.33 105.80 -2.47  0.40 N 
28 1 "O4'" A DG 11 ? ? "C1'" A DG 11 ? ? N9    A DG 11 ? ? 110.66 108.30 2.36   0.30 N 
29 1 N7    A DG 11 ? ? C8    A DG 11 ? ? N9    A DG 11 ? ? 117.63 113.10 4.53   0.50 N 
30 1 C8    A DG 11 ? ? N9    A DG 11 ? ? C4    A DG 11 ? ? 103.71 106.40 -2.69  0.40 N 
31 1 "O4'" B DC 12 ? ? "C1'" B DC 12 ? ? N1    B DC 12 ? ? 110.68 108.30 2.38   0.30 N 
32 1 "O4'" B DT 13 ? ? "C1'" B DT 13 ? ? N1    B DT 13 ? ? 110.99 108.30 2.69   0.30 N 
33 1 "O4'" B DT 14 ? ? "C1'" B DT 14 ? ? N1    B DT 14 ? ? 111.37 108.30 3.07   0.30 N 
34 1 "O4'" B DC 15 ? ? "C1'" B DC 15 ? ? N1    B DC 15 ? ? 111.68 108.30 3.38   0.30 N 
35 1 "O3'" B DC 15 ? ? P     B DT 16 ? ? "O5'" B DT 16 ? ? 68.97  104.00 -35.03 1.90 Y 
36 1 "O3'" B DC 15 ? ? P     B DT 16 ? ? OP2   B DT 16 ? ? 76.11  105.20 -29.09 2.20 Y 
37 1 "O3'" B DC 15 ? ? P     B DT 16 ? ? OP1   B DT 16 ? ? 117.63 110.50 7.13   1.10 Y 
38 1 "O5'" B DT 16 ? ? P     B DT 16 ? ? OP2   B DT 16 ? ? 136.98 110.70 26.28  1.20 N 
39 1 P     B DT 16 ? ? "O5'" B DT 16 ? ? "C5'" B DT 16 ? ? 107.15 120.90 -13.75 1.60 N 
40 1 "O4'" B DT 17 ? ? "C1'" B DT 17 ? ? N1    B DT 17 ? ? 111.07 108.30 2.77   0.30 N 
41 1 C6    B DT 17 ? ? C5    B DT 17 ? ? C7    B DT 17 ? ? 119.18 122.90 -3.72  0.60 N 
42 1 "O4'" B DG 18 ? ? "C1'" B DG 18 ? ? N9    B DG 18 ? ? 110.56 108.30 2.26   0.30 N 
43 1 N7    B DG 18 ? ? C8    B DG 18 ? ? N9    B DG 18 ? ? 117.70 113.10 4.60   0.50 N 
44 1 C8    B DG 18 ? ? N9    B DG 18 ? ? C4    B DG 18 ? ? 103.44 106.40 -2.96  0.40 N 
45 1 "O4'" B DT 19 ? ? "C1'" B DT 19 ? ? N1    B DT 19 ? ? 111.22 108.30 2.92   0.30 N 
46 1 "O4'" B DC 20 ? ? "C1'" B DC 20 ? ? N1    B DC 20 ? ? 110.62 108.30 2.32   0.30 N 
47 1 "O4'" B DC 21 ? ? "C1'" B DC 21 ? ? N1    B DC 21 ? ? 110.83 108.30 2.53   0.30 N 
48 1 "O4'" B DG 22 ? ? "C1'" B DG 22 ? ? N9    B DG 22 ? ? 111.00 108.30 2.70   0.30 N 
49 1 N7    B DG 22 ? ? C8    B DG 22 ? ? N9    B DG 22 ? ? 117.50 113.10 4.40   0.50 N 
50 1 C8    B DG 22 ? ? N9    B DG 22 ? ? C4    B DG 22 ? ? 103.79 106.40 -2.61  0.40 N 
# 
_pdbx_nmr_ensemble.entry_id                             1AGH 
_pdbx_nmr_ensemble.conformers_calculated_total_number   1 
_pdbx_nmr_ensemble.conformers_submitted_total_number    1 
_pdbx_nmr_ensemble.conformer_selection_criteria         
'THIS STRUCTURE PROVIDED THE BEST-FIT FOR THE NOE DATA BASED ON THE RELAXATION MATRIX ANALYSIS USING CORMA.' 
# 
_pdbx_nmr_exptl_sample_conditions.conditions_id       1 
_pdbx_nmr_exptl_sample_conditions.temperature         293 
_pdbx_nmr_exptl_sample_conditions.pressure            ? 
_pdbx_nmr_exptl_sample_conditions.pH                  6.9 
_pdbx_nmr_exptl_sample_conditions.ionic_strength      ? 
_pdbx_nmr_exptl_sample_conditions.pressure_units      . 
_pdbx_nmr_exptl_sample_conditions.temperature_units   K 
# 
loop_
_pdbx_nmr_exptl.experiment_id 
_pdbx_nmr_exptl.conditions_id 
_pdbx_nmr_exptl.type 
_pdbx_nmr_exptl.solution_id 
1 1 NOESY    1 
2 1 2QF-COSY 1 
3 1 TOCSY    1 
# 
_pdbx_nmr_refine.entry_id           1AGH 
_pdbx_nmr_refine.method             'NOE-RESTRAINED MOLECULAR DYNAMICS/SIMULATED ANNEALING' 
_pdbx_nmr_refine.details            'REFINEMENT DETAILS CAN BE FOUND IN THE JRNL CITATION ABOVE.' 
_pdbx_nmr_refine.software_ordinal   1 
# 
loop_
_pdbx_nmr_software.classification 
_pdbx_nmr_software.name 
_pdbx_nmr_software.version 
_pdbx_nmr_software.authors 
_pdbx_nmr_software.ordinal 
refinement           X-PLOR    3.1 BRUNGER 1 
'structure solution' Felix     ?   ?       2 
'structure solution' X-PLOR    ?   ?       3 
'structure solution' MARDIGRAS ?   ?       4 
'structure solution' CORMA     ?   ?       5 
# 
loop_
_chem_comp_atom.comp_id 
_chem_comp_atom.atom_id 
_chem_comp_atom.type_symbol 
_chem_comp_atom.pdbx_aromatic_flag 
_chem_comp_atom.pdbx_stereo_config 
_chem_comp_atom.pdbx_ordinal 
DA OP3    O N N 1   
DA P      P N N 2   
DA OP1    O N N 3   
DA OP2    O N N 4   
DA "O5'"  O N N 5   
DA "C5'"  C N N 6   
DA "C4'"  C N R 7   
DA "O4'"  O N N 8   
DA "C3'"  C N S 9   
DA "O3'"  O N N 10  
DA "C2'"  C N N 11  
DA "C1'"  C N R 12  
DA N9     N Y N 13  
DA C8     C Y N 14  
DA N7     N Y N 15  
DA C5     C Y N 16  
DA C6     C Y N 17  
DA N6     N N N 18  
DA N1     N Y N 19  
DA C2     C Y N 20  
DA N3     N Y N 21  
DA C4     C Y N 22  
DA HOP3   H N N 23  
DA HOP2   H N N 24  
DA "H5'"  H N N 25  
DA "H5''" H N N 26  
DA "H4'"  H N N 27  
DA "H3'"  H N N 28  
DA "HO3'" H N N 29  
DA "H2'"  H N N 30  
DA "H2''" H N N 31  
DA "H1'"  H N N 32  
DA H8     H N N 33  
DA H61    H N N 34  
DA H62    H N N 35  
DA H2     H N N 36  
DC OP3    O N N 37  
DC P      P N N 38  
DC OP1    O N N 39  
DC OP2    O N N 40  
DC "O5'"  O N N 41  
DC "C5'"  C N N 42  
DC "C4'"  C N R 43  
DC "O4'"  O N N 44  
DC "C3'"  C N S 45  
DC "O3'"  O N N 46  
DC "C2'"  C N N 47  
DC "C1'"  C N R 48  
DC N1     N N N 49  
DC C2     C N N 50  
DC O2     O N N 51  
DC N3     N N N 52  
DC C4     C N N 53  
DC N4     N N N 54  
DC C5     C N N 55  
DC C6     C N N 56  
DC HOP3   H N N 57  
DC HOP2   H N N 58  
DC "H5'"  H N N 59  
DC "H5''" H N N 60  
DC "H4'"  H N N 61  
DC "H3'"  H N N 62  
DC "HO3'" H N N 63  
DC "H2'"  H N N 64  
DC "H2''" H N N 65  
DC "H1'"  H N N 66  
DC H41    H N N 67  
DC H42    H N N 68  
DC H5     H N N 69  
DC H6     H N N 70  
DG OP3    O N N 71  
DG P      P N N 72  
DG OP1    O N N 73  
DG OP2    O N N 74  
DG "O5'"  O N N 75  
DG "C5'"  C N N 76  
DG "C4'"  C N R 77  
DG "O4'"  O N N 78  
DG "C3'"  C N S 79  
DG "O3'"  O N N 80  
DG "C2'"  C N N 81  
DG "C1'"  C N R 82  
DG N9     N Y N 83  
DG C8     C Y N 84  
DG N7     N Y N 85  
DG C5     C Y N 86  
DG C6     C N N 87  
DG O6     O N N 88  
DG N1     N N N 89  
DG C2     C N N 90  
DG N2     N N N 91  
DG N3     N N N 92  
DG C4     C Y N 93  
DG HOP3   H N N 94  
DG HOP2   H N N 95  
DG "H5'"  H N N 96  
DG "H5''" H N N 97  
DG "H4'"  H N N 98  
DG "H3'"  H N N 99  
DG "HO3'" H N N 100 
DG "H2'"  H N N 101 
DG "H2''" H N N 102 
DG "H1'"  H N N 103 
DG H8     H N N 104 
DG H1     H N N 105 
DG H21    H N N 106 
DG H22    H N N 107 
DT OP3    O N N 108 
DT P      P N N 109 
DT OP1    O N N 110 
DT OP2    O N N 111 
DT "O5'"  O N N 112 
DT "C5'"  C N N 113 
DT "C4'"  C N R 114 
DT "O4'"  O N N 115 
DT "C3'"  C N S 116 
DT "O3'"  O N N 117 
DT "C2'"  C N N 118 
DT "C1'"  C N R 119 
DT N1     N N N 120 
DT C2     C N N 121 
DT O2     O N N 122 
DT N3     N N N 123 
DT C4     C N N 124 
DT O4     O N N 125 
DT C5     C N N 126 
DT C7     C N N 127 
DT C6     C N N 128 
DT HOP3   H N N 129 
DT HOP2   H N N 130 
DT "H5'"  H N N 131 
DT "H5''" H N N 132 
DT "H4'"  H N N 133 
DT "H3'"  H N N 134 
DT "HO3'" H N N 135 
DT "H2'"  H N N 136 
DT "H2''" H N N 137 
DT "H1'"  H N N 138 
DT H3     H N N 139 
DT H71    H N N 140 
DT H72    H N N 141 
DT H73    H N N 142 
DT H6     H N N 143 
# 
loop_
_chem_comp_bond.comp_id 
_chem_comp_bond.atom_id_1 
_chem_comp_bond.atom_id_2 
_chem_comp_bond.value_order 
_chem_comp_bond.pdbx_aromatic_flag 
_chem_comp_bond.pdbx_stereo_config 
_chem_comp_bond.pdbx_ordinal 
DA OP3   P      sing N N 1   
DA OP3   HOP3   sing N N 2   
DA P     OP1    doub N N 3   
DA P     OP2    sing N N 4   
DA P     "O5'"  sing N N 5   
DA OP2   HOP2   sing N N 6   
DA "O5'" "C5'"  sing N N 7   
DA "C5'" "C4'"  sing N N 8   
DA "C5'" "H5'"  sing N N 9   
DA "C5'" "H5''" sing N N 10  
DA "C4'" "O4'"  sing N N 11  
DA "C4'" "C3'"  sing N N 12  
DA "C4'" "H4'"  sing N N 13  
DA "O4'" "C1'"  sing N N 14  
DA "C3'" "O3'"  sing N N 15  
DA "C3'" "C2'"  sing N N 16  
DA "C3'" "H3'"  sing N N 17  
DA "O3'" "HO3'" sing N N 18  
DA "C2'" "C1'"  sing N N 19  
DA "C2'" "H2'"  sing N N 20  
DA "C2'" "H2''" sing N N 21  
DA "C1'" N9     sing N N 22  
DA "C1'" "H1'"  sing N N 23  
DA N9    C8     sing Y N 24  
DA N9    C4     sing Y N 25  
DA C8    N7     doub Y N 26  
DA C8    H8     sing N N 27  
DA N7    C5     sing Y N 28  
DA C5    C6     sing Y N 29  
DA C5    C4     doub Y N 30  
DA C6    N6     sing N N 31  
DA C6    N1     doub Y N 32  
DA N6    H61    sing N N 33  
DA N6    H62    sing N N 34  
DA N1    C2     sing Y N 35  
DA C2    N3     doub Y N 36  
DA C2    H2     sing N N 37  
DA N3    C4     sing Y N 38  
DC OP3   P      sing N N 39  
DC OP3   HOP3   sing N N 40  
DC P     OP1    doub N N 41  
DC P     OP2    sing N N 42  
DC P     "O5'"  sing N N 43  
DC OP2   HOP2   sing N N 44  
DC "O5'" "C5'"  sing N N 45  
DC "C5'" "C4'"  sing N N 46  
DC "C5'" "H5'"  sing N N 47  
DC "C5'" "H5''" sing N N 48  
DC "C4'" "O4'"  sing N N 49  
DC "C4'" "C3'"  sing N N 50  
DC "C4'" "H4'"  sing N N 51  
DC "O4'" "C1'"  sing N N 52  
DC "C3'" "O3'"  sing N N 53  
DC "C3'" "C2'"  sing N N 54  
DC "C3'" "H3'"  sing N N 55  
DC "O3'" "HO3'" sing N N 56  
DC "C2'" "C1'"  sing N N 57  
DC "C2'" "H2'"  sing N N 58  
DC "C2'" "H2''" sing N N 59  
DC "C1'" N1     sing N N 60  
DC "C1'" "H1'"  sing N N 61  
DC N1    C2     sing N N 62  
DC N1    C6     sing N N 63  
DC C2    O2     doub N N 64  
DC C2    N3     sing N N 65  
DC N3    C4     doub N N 66  
DC C4    N4     sing N N 67  
DC C4    C5     sing N N 68  
DC N4    H41    sing N N 69  
DC N4    H42    sing N N 70  
DC C5    C6     doub N N 71  
DC C5    H5     sing N N 72  
DC C6    H6     sing N N 73  
DG OP3   P      sing N N 74  
DG OP3   HOP3   sing N N 75  
DG P     OP1    doub N N 76  
DG P     OP2    sing N N 77  
DG P     "O5'"  sing N N 78  
DG OP2   HOP2   sing N N 79  
DG "O5'" "C5'"  sing N N 80  
DG "C5'" "C4'"  sing N N 81  
DG "C5'" "H5'"  sing N N 82  
DG "C5'" "H5''" sing N N 83  
DG "C4'" "O4'"  sing N N 84  
DG "C4'" "C3'"  sing N N 85  
DG "C4'" "H4'"  sing N N 86  
DG "O4'" "C1'"  sing N N 87  
DG "C3'" "O3'"  sing N N 88  
DG "C3'" "C2'"  sing N N 89  
DG "C3'" "H3'"  sing N N 90  
DG "O3'" "HO3'" sing N N 91  
DG "C2'" "C1'"  sing N N 92  
DG "C2'" "H2'"  sing N N 93  
DG "C2'" "H2''" sing N N 94  
DG "C1'" N9     sing N N 95  
DG "C1'" "H1'"  sing N N 96  
DG N9    C8     sing Y N 97  
DG N9    C4     sing Y N 98  
DG C8    N7     doub Y N 99  
DG C8    H8     sing N N 100 
DG N7    C5     sing Y N 101 
DG C5    C6     sing N N 102 
DG C5    C4     doub Y N 103 
DG C6    O6     doub N N 104 
DG C6    N1     sing N N 105 
DG N1    C2     sing N N 106 
DG N1    H1     sing N N 107 
DG C2    N2     sing N N 108 
DG C2    N3     doub N N 109 
DG N2    H21    sing N N 110 
DG N2    H22    sing N N 111 
DG N3    C4     sing N N 112 
DT OP3   P      sing N N 113 
DT OP3   HOP3   sing N N 114 
DT P     OP1    doub N N 115 
DT P     OP2    sing N N 116 
DT P     "O5'"  sing N N 117 
DT OP2   HOP2   sing N N 118 
DT "O5'" "C5'"  sing N N 119 
DT "C5'" "C4'"  sing N N 120 
DT "C5'" "H5'"  sing N N 121 
DT "C5'" "H5''" sing N N 122 
DT "C4'" "O4'"  sing N N 123 
DT "C4'" "C3'"  sing N N 124 
DT "C4'" "H4'"  sing N N 125 
DT "O4'" "C1'"  sing N N 126 
DT "C3'" "O3'"  sing N N 127 
DT "C3'" "C2'"  sing N N 128 
DT "C3'" "H3'"  sing N N 129 
DT "O3'" "HO3'" sing N N 130 
DT "C2'" "C1'"  sing N N 131 
DT "C2'" "H2'"  sing N N 132 
DT "C2'" "H2''" sing N N 133 
DT "C1'" N1     sing N N 134 
DT "C1'" "H1'"  sing N N 135 
DT N1    C2     sing N N 136 
DT N1    C6     sing N N 137 
DT C2    O2     doub N N 138 
DT C2    N3     sing N N 139 
DT N3    C4     sing N N 140 
DT N3    H3     sing N N 141 
DT C4    O4     doub N N 142 
DT C4    C5     sing N N 143 
DT C5    C7     sing N N 144 
DT C5    C6     doub N N 145 
DT C7    H71    sing N N 146 
DT C7    H72    sing N N 147 
DT C7    H73    sing N N 148 
DT C6    H6     sing N N 149 
# 
loop_
_ndb_struct_conf_na.entry_id 
_ndb_struct_conf_na.feature 
1AGH 'double helix'        
1AGH 'b-form double helix' 
# 
loop_
_ndb_struct_na_base_pair.model_number 
_ndb_struct_na_base_pair.i_label_asym_id 
_ndb_struct_na_base_pair.i_label_comp_id 
_ndb_struct_na_base_pair.i_label_seq_id 
_ndb_struct_na_base_pair.i_symmetry 
_ndb_struct_na_base_pair.j_label_asym_id 
_ndb_struct_na_base_pair.j_label_comp_id 
_ndb_struct_na_base_pair.j_label_seq_id 
_ndb_struct_na_base_pair.j_symmetry 
_ndb_struct_na_base_pair.shear 
_ndb_struct_na_base_pair.stretch 
_ndb_struct_na_base_pair.stagger 
_ndb_struct_na_base_pair.buckle 
_ndb_struct_na_base_pair.propeller 
_ndb_struct_na_base_pair.opening 
_ndb_struct_na_base_pair.pair_number 
_ndb_struct_na_base_pair.pair_name 
_ndb_struct_na_base_pair.i_auth_asym_id 
_ndb_struct_na_base_pair.i_auth_seq_id 
_ndb_struct_na_base_pair.i_PDB_ins_code 
_ndb_struct_na_base_pair.j_auth_asym_id 
_ndb_struct_na_base_pair.j_auth_seq_id 
_ndb_struct_na_base_pair.j_PDB_ins_code 
_ndb_struct_na_base_pair.hbond_type_28 
_ndb_struct_na_base_pair.hbond_type_12 
1 A DC 1  1_555 B DG 11 1_555 0.756  -0.329 0.477  -19.530 5.556   -0.095 1  A_DC1:DG22_B  A 1  ? B 22 ? 19 1 
1 A DG 2  1_555 B DC 10 1_555 -0.662 -0.343 0.188  3.594   -6.030  -0.945 2  A_DG2:DC21_B  A 2  ? B 21 ? 19 1 
1 A DG 3  1_555 B DC 9  1_555 -0.541 -0.353 -0.011 4.570   -13.583 -2.137 3  A_DG3:DC20_B  A 3  ? B 20 ? 19 1 
1 A DA 4  1_555 B DT 8  1_555 0.355  -0.052 -0.162 0.975   -17.529 -3.889 4  A_DA4:DT19_B  A 4  ? B 19 ? 20 1 
1 A DC 5  1_555 B DG 7  1_555 0.688  -0.402 -0.242 3.464   -16.068 -0.449 5  A_DC5:DG18_B  A 5  ? B 18 ? 19 1 
1 A DA 6  1_555 B DT 6  1_555 0.207  -0.128 -0.190 -6.292  -15.656 3.044  6  A_DA6:DT17_B  A 6  ? B 17 ? 20 1 
1 A DA 7  1_555 B DT 5  1_555 0.612  -0.129 -0.031 8.021   -12.160 -4.972 7  A_DA7:DT16_B  A 7  ? B 16 ? 20 1 
1 A DG 8  1_555 B DC 4  1_555 -0.639 -0.373 -0.018 6.910   -12.156 -1.315 8  A_DG8:DC15_B  A 8  ? B 15 ? 19 1 
1 A DA 9  1_555 B DT 3  1_555 0.358  -0.157 -0.176 10.548  -22.684 -4.868 9  A_DA9:DT14_B  A 9  ? B 14 ? 20 1 
1 A DA 10 1_555 B DT 2  1_555 0.318  -0.163 -0.079 10.112  -12.932 0.632  10 A_DA10:DT13_B A 10 ? B 13 ? 20 1 
1 A DG 11 1_555 B DC 1  1_555 -0.648 -0.222 0.616  27.069  -0.369  -2.478 11 A_DG11:DC12_B A 11 ? B 12 ? 19 1 
# 
loop_
_ndb_struct_na_base_pair_step.model_number 
_ndb_struct_na_base_pair_step.i_label_asym_id_1 
_ndb_struct_na_base_pair_step.i_label_comp_id_1 
_ndb_struct_na_base_pair_step.i_label_seq_id_1 
_ndb_struct_na_base_pair_step.i_symmetry_1 
_ndb_struct_na_base_pair_step.j_label_asym_id_1 
_ndb_struct_na_base_pair_step.j_label_comp_id_1 
_ndb_struct_na_base_pair_step.j_label_seq_id_1 
_ndb_struct_na_base_pair_step.j_symmetry_1 
_ndb_struct_na_base_pair_step.i_label_asym_id_2 
_ndb_struct_na_base_pair_step.i_label_comp_id_2 
_ndb_struct_na_base_pair_step.i_label_seq_id_2 
_ndb_struct_na_base_pair_step.i_symmetry_2 
_ndb_struct_na_base_pair_step.j_label_asym_id_2 
_ndb_struct_na_base_pair_step.j_label_comp_id_2 
_ndb_struct_na_base_pair_step.j_label_seq_id_2 
_ndb_struct_na_base_pair_step.j_symmetry_2 
_ndb_struct_na_base_pair_step.shift 
_ndb_struct_na_base_pair_step.slide 
_ndb_struct_na_base_pair_step.rise 
_ndb_struct_na_base_pair_step.tilt 
_ndb_struct_na_base_pair_step.roll 
_ndb_struct_na_base_pair_step.twist 
_ndb_struct_na_base_pair_step.x_displacement 
_ndb_struct_na_base_pair_step.y_displacement 
_ndb_struct_na_base_pair_step.helical_rise 
_ndb_struct_na_base_pair_step.inclination 
_ndb_struct_na_base_pair_step.tip 
_ndb_struct_na_base_pair_step.helical_twist 
_ndb_struct_na_base_pair_step.step_number 
_ndb_struct_na_base_pair_step.step_name 
_ndb_struct_na_base_pair_step.i_auth_asym_id_1 
_ndb_struct_na_base_pair_step.i_auth_seq_id_1 
_ndb_struct_na_base_pair_step.i_PDB_ins_code_1 
_ndb_struct_na_base_pair_step.j_auth_asym_id_1 
_ndb_struct_na_base_pair_step.j_auth_seq_id_1 
_ndb_struct_na_base_pair_step.j_PDB_ins_code_1 
_ndb_struct_na_base_pair_step.i_auth_asym_id_2 
_ndb_struct_na_base_pair_step.i_auth_seq_id_2 
_ndb_struct_na_base_pair_step.i_PDB_ins_code_2 
_ndb_struct_na_base_pair_step.j_auth_asym_id_2 
_ndb_struct_na_base_pair_step.j_auth_seq_id_2 
_ndb_struct_na_base_pair_step.j_PDB_ins_code_2 
1 A DC 1  1_555 B DG 11 1_555 A DG 2  1_555 B DC 10 1_555 -0.147 -0.140 2.665 3.295  -3.095 29.937 0.242  0.825  2.635 -5.949 
-6.333 30.269 1  AA_DC1DG2:DC21DG22_BB   A 1  ? B 22 ? A 2  ? B 21 ? 
1 A DG 2  1_555 B DC 10 1_555 A DG 3  1_555 B DC 9  1_555 -0.126 0.062  3.292 0.076  0.363  35.305 0.049  0.218  3.293 0.598  
-0.125 35.307 2  AA_DG2DG3:DC20DC21_BB   A 2  ? B 21 ? A 3  ? B 20 ? 
1 A DG 3  1_555 B DC 9  1_555 A DA 4  1_555 B DT 8  1_555 0.014  0.258  3.437 0.042  -2.952 42.632 0.664  -0.015 3.413 -4.055 
-0.058 42.730 3  AA_DG3DA4:DT19DC20_BB   A 3  ? B 20 ? A 4  ? B 19 ? 
1 A DA 4  1_555 B DT 8  1_555 A DC 5  1_555 B DG 7  1_555 0.253  0.052  3.207 1.944  -5.500 37.182 0.783  -0.144 3.176 -8.561 
-3.025 37.621 4  AA_DA4DC5:DG18DT19_BB   A 4  ? B 19 ? A 5  ? B 18 ? 
1 A DC 5  1_555 B DG 7  1_555 A DA 6  1_555 B DT 6  1_555 0.230  0.372  3.564 -0.147 8.545  38.548 -0.561 -0.360 3.562 12.752 
0.219  39.449 5  AA_DC5DA6:DT17DG18_BB   A 5  ? B 18 ? A 6  ? B 17 ? 
1 A DA 6  1_555 B DT 6  1_555 A DA 7  1_555 B DT 5  1_555 -0.678 0.392  2.875 -1.273 -2.335 37.008 0.890  0.916  2.867 -3.672 
2.002  37.100 6  AA_DA6DA7:DT16DT17_BB   A 6  ? B 17 ? A 7  ? B 16 ? 
1 A DA 7  1_555 B DT 5  1_555 A DG 8  1_555 B DC 4  1_555 0.246  -0.144 3.294 -1.124 0.731  31.478 -0.402 -0.664 3.279 1.346  
2.071  31.506 7  AA_DA7DG8:DC15DT16_BB   A 7  ? B 16 ? A 8  ? B 15 ? 
1 A DG 8  1_555 B DC 4  1_555 A DA 9  1_555 B DT 3  1_555 -0.402 0.339  3.096 2.177  0.329  43.020 0.431  0.750  3.076 0.448  
-2.966 43.073 8  AA_DG8DA9:DT14DC15_BB   A 8  ? B 15 ? A 9  ? B 14 ? 
1 A DA 9  1_555 B DT 3  1_555 A DA 10 1_555 B DT 2  1_555 0.370  0.029  3.128 -1.294 3.489  33.187 -0.501 -0.848 3.098 6.085  
2.257  33.389 9  AA_DA9DA10:DT13DT14_BB  A 9  ? B 14 ? A 10 ? B 13 ? 
1 A DA 10 1_555 B DT 2  1_555 A DG 11 1_555 B DC 1  1_555 -0.902 0.061  2.687 -6.989 4.916  33.333 -0.551 0.596  2.794 8.400  
11.941 34.381 10 AA_DA10DG11:DC12DT13_BB A 10 ? B 13 ? A 11 ? B 12 ? 
# 
_pdbx_nmr_spectrometer.spectrometer_id   1 
_pdbx_nmr_spectrometer.model             AMX500 
_pdbx_nmr_spectrometer.manufacturer      Bruker 
_pdbx_nmr_spectrometer.field_strength    500 
# 
_atom_sites.entry_id                    1AGH 
_atom_sites.fract_transf_matrix[1][1]   1.000000 
_atom_sites.fract_transf_matrix[1][2]   0.000000 
_atom_sites.fract_transf_matrix[1][3]   0.000000 
_atom_sites.fract_transf_matrix[2][1]   0.000000 
_atom_sites.fract_transf_matrix[2][2]   1.000000 
_atom_sites.fract_transf_matrix[2][3]   0.000000 
_atom_sites.fract_transf_matrix[3][1]   0.000000 
_atom_sites.fract_transf_matrix[3][2]   0.000000 
_atom_sites.fract_transf_matrix[3][3]   1.000000 
_atom_sites.fract_transf_vector[1]      0.00000 
_atom_sites.fract_transf_vector[2]      0.00000 
_atom_sites.fract_transf_vector[3]      0.00000 
# 
loop_
_atom_type.symbol 
C 
H 
N 
O 
P 
# 
loop_
_atom_site.group_PDB 
_atom_site.id 
_atom_site.type_symbol 
_atom_site.label_atom_id 
_atom_site.label_alt_id 
_atom_site.label_comp_id 
_atom_site.label_asym_id 
_atom_site.label_entity_id 
_atom_site.label_seq_id 
_atom_site.pdbx_PDB_ins_code 
_atom_site.Cartn_x 
_atom_site.Cartn_y 
_atom_site.Cartn_z 
_atom_site.occupancy 
_atom_site.B_iso_or_equiv 
_atom_site.pdbx_formal_charge 
_atom_site.auth_seq_id 
_atom_site.auth_comp_id 
_atom_site.auth_asym_id 
_atom_site.auth_atom_id 
_atom_site.pdbx_PDB_model_num 
ATOM 1   O "O5'"  . DC A 1 1  ? 18.139  4.003   7.920   1.00 1.95 ? 1  DC A "O5'"  1 
ATOM 2   C "C5'"  . DC A 1 1  ? 18.082  4.204   9.343   1.00 1.37 ? 1  DC A "C5'"  1 
ATOM 3   C "C4'"  . DC A 1 1  ? 16.664  4.545   9.813   1.00 1.22 ? 1  DC A "C4'"  1 
ATOM 4   O "O4'"  . DC A 1 1  ? 16.170  5.699   9.101   1.00 1.11 ? 1  DC A "O4'"  1 
ATOM 5   C "C3'"  . DC A 1 1  ? 15.678  3.394   9.589   1.00 1.17 ? 1  DC A "C3'"  1 
ATOM 6   O "O3'"  . DC A 1 1  ? 14.942  3.108   10.807  1.00 1.23 ? 1  DC A "O3'"  1 
ATOM 7   C "C2'"  . DC A 1 1  ? 14.744  3.882   8.508   1.00 1.02 ? 1  DC A "C2'"  1 
ATOM 8   C "C1'"  . DC A 1 1  ? 14.938  5.380   8.422   1.00 0.96 ? 1  DC A "C1'"  1 
ATOM 9   N N1     . DC A 1 1  ? 14.971  5.830   7.018   1.00 0.91 ? 1  DC A N1     1 
ATOM 10  C C2     . DC A 1 1  ? 13.983  6.712   6.607   1.00 0.79 ? 1  DC A C2     1 
ATOM 11  O O2     . DC A 1 1  ? 13.120  7.088   7.398   1.00 0.74 ? 1  DC A O2     1 
ATOM 12  N N3     . DC A 1 1  ? 13.997  7.142   5.319   1.00 0.79 ? 1  DC A N3     1 
ATOM 13  C C4     . DC A 1 1  ? 14.939  6.727   4.465   1.00 0.95 ? 1  DC A C4     1 
ATOM 14  N N4     . DC A 1 1  ? 14.929  7.186   3.215   1.00 1.02 ? 1  DC A N4     1 
ATOM 15  C C5     . DC A 1 1  ? 15.962  5.819   4.882   1.00 1.09 ? 1  DC A C5     1 
ATOM 16  C C6     . DC A 1 1  ? 15.941  5.398   6.160   1.00 1.05 ? 1  DC A C6     1 
ATOM 17  H "H5'"  . DC A 1 1  ? 18.746  5.026   9.618   1.00 1.50 ? 1  DC A "H5'"  1 
ATOM 18  H "H5''" . DC A 1 1  ? 18.418  3.299   9.849   1.00 1.49 ? 1  DC A "H5''" 1 
ATOM 19  H "H4'"  . DC A 1 1  ? 16.689  4.781   10.879  1.00 1.29 ? 1  DC A "H4'"  1 
ATOM 20  H "H3'"  . DC A 1 1  ? 16.210  2.505   9.238   1.00 1.27 ? 1  DC A "H3'"  1 
ATOM 21  H "H2'"  . DC A 1 1  ? 15.001  3.415   7.553   1.00 1.04 ? 1  DC A "H2'"  1 
ATOM 22  H "H2''" . DC A 1 1  ? 13.708  3.652   8.759   1.00 0.99 ? 1  DC A "H2''" 1 
ATOM 23  H "H1'"  . DC A 1 1  ? 14.114  5.877   8.937   1.00 0.91 ? 1  DC A "H1'"  1 
ATOM 24  H H41    . DC A 1 1  ? 14.208  7.830   2.922   1.00 0.94 ? 1  DC A H41    1 
ATOM 25  H H42    . DC A 1 1  ? 15.642  6.893   2.563   1.00 1.19 ? 1  DC A H42    1 
ATOM 26  H H5     . DC A 1 1  ? 16.728  5.474   4.186   1.00 1.25 ? 1  DC A H5     1 
ATOM 27  H H6     . DC A 1 1  ? 16.704  4.705   6.512   1.00 1.16 ? 1  DC A H6     1 
ATOM 28  H "HO5'" . DC A 1 1  ? 18.300  3.083   7.779   1.00 2.28 ? 1  DC A "HO5'" 1 
ATOM 29  P P      . DG A 1 2  ? 13.600  2.185   10.814  1.00 1.30 ? 2  DG A P      1 
ATOM 30  O OP1    . DG A 1 2  ? 13.498  1.567   12.153  1.00 1.50 ? 2  DG A OP1    1 
ATOM 31  O OP2    . DG A 1 2  ? 13.619  1.323   9.609   1.00 2.27 ? 2  DG A OP2    1 
ATOM 32  O "O5'"  . DG A 1 2  ? 12.396  3.268   10.662  1.00 1.19 ? 2  DG A "O5'"  1 
ATOM 33  C "C5'"  . DG A 1 2  ? 12.151  4.217   11.721  1.00 1.18 ? 2  DG A "C5'"  1 
ATOM 34  C "C4'"  . DG A 1 2  ? 10.902  5.042   11.501  1.00 1.07 ? 2  DG A "C4'"  1 
ATOM 35  O "O4'"  . DG A 1 2  ? 10.926  5.774   10.237  1.00 0.93 ? 2  DG A "O4'"  1 
ATOM 36  C "C3'"  . DG A 1 2  ? 9.725   4.137   11.469  1.00 1.15 ? 2  DG A "C3'"  1 
ATOM 37  O "O3'"  . DG A 1 2  ? 8.688   4.640   12.255  1.00 1.27 ? 2  DG A "O3'"  1 
ATOM 38  C "C2'"  . DG A 1 2  ? 9.351   4.038   9.984   1.00 1.03 ? 2  DG A "C2'"  1 
ATOM 39  C "C1'"  . DG A 1 2  ? 9.892   5.307   9.342   1.00 0.87 ? 2  DG A "C1'"  1 
ATOM 40  N N9     . DG A 1 2  ? 10.435  5.133   7.945   1.00 0.76 ? 2  DG A N9     1 
ATOM 41  C C8     . DG A 1 2  ? 11.271  4.197   7.395   1.00 0.78 ? 2  DG A C8     1 
ATOM 42  N N7     . DG A 1 2  ? 11.605  4.345   6.147   1.00 0.70 ? 2  DG A N7     1 
ATOM 43  C C5     . DG A 1 2  ? 10.921  5.514   5.800   1.00 0.60 ? 2  DG A C5     1 
ATOM 44  C C6     . DG A 1 2  ? 10.870  6.218   4.558   1.00 0.51 ? 2  DG A C6     1 
ATOM 45  O O6     . DG A 1 2  ? 11.421  5.939   3.493   1.00 0.52 ? 2  DG A O6     1 
ATOM 46  N N1     . DG A 1 2  ? 10.064  7.347   4.644   1.00 0.48 ? 2  DG A N1     1 
ATOM 47  C C2     . DG A 1 2  ? 9.395   7.760   5.777   1.00 0.54 ? 2  DG A C2     1 
ATOM 48  N N2     . DG A 1 2  ? 8.674   8.877   5.670   1.00 0.57 ? 2  DG A N2     1 
ATOM 49  N N3     . DG A 1 2  ? 9.435   7.107   6.939   1.00 0.62 ? 2  DG A N3     1 
ATOM 50  C C4     . DG A 1 2  ? 10.210  6.002   6.890   1.00 0.64 ? 2  DG A C4     1 
ATOM 51  H "H5'"  . DG A 1 2  ? 12.975  4.892   11.792  1.00 1.19 ? 2  DG A "H5'"  1 
ATOM 52  H "H5''" . DG A 1 2  ? 12.038  3.671   12.666  1.00 1.30 ? 2  DG A "H5''" 1 
ATOM 53  H "H4'"  . DG A 1 2  ? 10.775  5.766   12.319  1.00 1.13 ? 2  DG A "H4'"  1 
ATOM 54  H "H3'"  . DG A 1 2  ? 9.984   3.172   11.867  1.00 1.27 ? 2  DG A "H3'"  1 
ATOM 55  H "H2'"  . DG A 1 2  ? 9.857   3.193   9.584   1.00 1.05 ? 2  DG A "H2'"  1 
ATOM 56  H "H2''" . DG A 1 2  ? 8.252   3.950   9.807   1.00 1.08 ? 2  DG A "H2''" 1 
ATOM 57  H "H1'"  . DG A 1 2  ? 9.087   6.056   9.302   1.00 0.87 ? 2  DG A "H1'"  1 
ATOM 58  H H8     . DG A 1 2  ? 11.659  3.364   7.982   1.00 0.89 ? 2  DG A H8     1 
ATOM 59  H H1     . DG A 1 2  ? 9.978   7.893   3.799   1.00 0.47 ? 2  DG A H1     1 
ATOM 60  H H21    . DG A 1 2  ? 8.634   9.371   4.791   1.00 0.56 ? 2  DG A H21    1 
ATOM 61  H H22    . DG A 1 2  ? 8.166   9.228   6.471   1.00 0.64 ? 2  DG A H22    1 
ATOM 62  P P      . DG A 1 3  ? 7.293   3.879   12.230  1.00 1.34 ? 3  DG A P      1 
ATOM 63  O OP1    . DG A 1 3  ? 6.615   4.215   13.464  1.00 1.83 ? 3  DG A OP1    1 
ATOM 64  O OP2    . DG A 1 3  ? 7.472   2.531   11.861  1.00 2.27 ? 3  DG A OP2    1 
ATOM 65  O "O5'"  . DG A 1 3  ? 6.728   4.697   11.062  1.00 1.21 ? 3  DG A "O5'"  1 
ATOM 66  C "C5'"  . DG A 1 3  ? 6.575   6.047   11.300  1.00 1.18 ? 3  DG A "C5'"  1 
ATOM 67  C "C4'"  . DG A 1 3  ? 5.706   6.781   10.317  1.00 1.01 ? 3  DG A "C4'"  1 
ATOM 68  O "O4'"  . DG A 1 3  ? 6.307   6.905   9.019   1.00 0.87 ? 3  DG A "O4'"  1 
ATOM 69  C "C3'"  . DG A 1 3  ? 4.409   6.032   10.192  1.00 1.03 ? 3  DG A "C3'"  1 
ATOM 70  O "O3'"  . DG A 1 3  ? 3.284   6.881   10.410  1.00 1.04 ? 3  DG A "O3'"  1 
ATOM 71  C "C2'"  . DG A 1 3  ? 4.431   5.477   8.800   1.00 0.93 ? 3  DG A "C2'"  1 
ATOM 72  C "C1'"  . DG A 1 3  ? 5.469   6.285   8.045   1.00 0.81 ? 3  DG A "C1'"  1 
ATOM 73  N N9     . DG A 1 3  ? 6.278   5.457   7.140   1.00 0.75 ? 3  DG A N9     1 
ATOM 74  C C8     . DG A 1 3  ? 6.911   4.274   7.354   1.00 0.78 ? 3  DG A C8     1 
ATOM 75  N N7     . DG A 1 3  ? 7.592   3.780   6.377   1.00 0.73 ? 3  DG A N7     1 
ATOM 76  C C5     . DG A 1 3  ? 7.394   4.742   5.380   1.00 0.65 ? 3  DG A C5     1 
ATOM 77  C C6     . DG A 1 3  ? 7.887   4.795   4.052   1.00 0.60 ? 3  DG A C6     1 
ATOM 78  O O6     . DG A 1 3  ? 8.606   3.985   3.472   1.00 0.60 ? 3  DG A O6     1 
ATOM 79  N N1     . DG A 1 3  ? 7.452   5.937   3.390   1.00 0.60 ? 3  DG A N1     1 
ATOM 80  C C2     . DG A 1 3  ? 6.650   6.918   3.936   1.00 0.63 ? 3  DG A C2     1 
ATOM 81  N N2     . DG A 1 3  ? 6.357   7.951   3.147   1.00 0.67 ? 3  DG A N2     1 
ATOM 82  N N3     . DG A 1 3  ? 6.187   6.877   5.185   1.00 0.66 ? 3  DG A N3     1 
ATOM 83  C C4     . DG A 1 3  ? 6.599   5.774   5.848   1.00 0.67 ? 3  DG A C4     1 
ATOM 84  H "H5'"  . DG A 1 3  ? 7.551   6.475   11.312  1.00 1.19 ? 3  DG A "H5'"  1 
ATOM 85  H "H5''" . DG A 1 3  ? 6.086   6.146   12.257  1.00 1.32 ? 3  DG A "H5''" 1 
ATOM 86  H "H4'"  . DG A 1 3  ? 5.511   7.779   10.721  1.00 1.04 ? 3  DG A "H4'"  1 
ATOM 87  H "H3'"  . DG A 1 3  ? 4.399   5.228   10.917  1.00 1.16 ? 3  DG A "H3'"  1 
ATOM 88  H "H2'"  . DG A 1 3  ? 4.718   4.427   8.835   1.00 0.97 ? 3  DG A "H2'"  1 
ATOM 89  H "H2''" . DG A 1 3  ? 3.459   5.590   8.335   1.00 0.95 ? 3  DG A "H2''" 1 
ATOM 90  H "H1'"  . DG A 1 3  ? 4.965   7.054   7.464   1.00 0.79 ? 3  DG A "H1'"  1 
ATOM 91  H H8     . DG A 1 3  ? 6.852   3.765   8.317   1.00 0.87 ? 3  DG A H8     1 
ATOM 92  H H1     . DG A 1 3  ? 7.761   6.035   2.436   1.00 0.60 ? 3  DG A H1     1 
ATOM 93  H H21    . DG A 1 3  ? 6.702   7.975   2.197   1.00 0.68 ? 3  DG A H21    1 
ATOM 94  H H22    . DG A 1 3  ? 5.777   8.703   3.492   1.00 0.72 ? 3  DG A H22    1 
ATOM 95  P P      . DA A 1 4  ? 1.798   6.397   10.010  1.00 1.10 ? 4  DA A P      1 
ATOM 96  O OP1    . DA A 1 4  ? 0.811   7.154   10.819  1.00 1.71 ? 4  DA A OP1    1 
ATOM 97  O OP2    . DA A 1 4  ? 1.776   4.921   10.029  1.00 1.79 ? 4  DA A OP2    1 
ATOM 98  O "O5'"  . DA A 1 4  ? 1.672   6.895   8.485   1.00 0.95 ? 4  DA A "O5'"  1 
ATOM 99  C "C5'"  . DA A 1 4  ? 1.694   8.289   8.204   1.00 0.94 ? 4  DA A "C5'"  1 
ATOM 100 C "C4'"  . DA A 1 4  ? 1.507   8.575   6.721   1.00 0.92 ? 4  DA A "C4'"  1 
ATOM 101 O "O4'"  . DA A 1 4  ? 2.581   8.005   5.948   1.00 0.88 ? 4  DA A "O4'"  1 
ATOM 102 C "C3'"  . DA A 1 4  ? 0.194   8.003   6.204   1.00 0.93 ? 4  DA A "C3'"  1 
ATOM 103 O "O3'"  . DA A 1 4  ? -0.609  9.043   5.605   1.00 0.98 ? 4  DA A "O3'"  1 
ATOM 104 C "C2'"  . DA A 1 4  ? 0.580   6.963   5.185   1.00 0.87 ? 4  DA A "C2'"  1 
ATOM 105 C "C1'"  . DA A 1 4  ? 2.059   7.137   4.924   1.00 0.85 ? 4  DA A "C1'"  1 
ATOM 106 N N9     . DA A 1 4  ? 2.753   5.840   4.923   1.00 0.79 ? 4  DA A N9     1 
ATOM 107 C C8     . DA A 1 4  ? 2.799   4.879   5.881   1.00 0.82 ? 4  DA A C8     1 
ATOM 108 N N7     . DA A 1 4  ? 3.495   3.821   5.628   1.00 0.77 ? 4  DA A N7     1 
ATOM 109 C C5     . DA A 1 4  ? 3.974   4.103   4.345   1.00 0.70 ? 4  DA A C5     1 
ATOM 110 C C6     . DA A 1 4  ? 4.792   3.391   3.463   1.00 0.65 ? 4  DA A C6     1 
ATOM 111 N N6     . DA A 1 4  ? 5.309   2.200   3.755   1.00 0.66 ? 4  DA A N6     1 
ATOM 112 N N1     . DA A 1 4  ? 5.066   3.963   2.274   1.00 0.63 ? 4  DA A N1     1 
ATOM 113 C C2     . DA A 1 4  ? 4.566   5.162   1.972   1.00 0.64 ? 4  DA A C2     1 
ATOM 114 N N3     . DA A 1 4  ? 3.784   5.921   2.732   1.00 0.68 ? 4  DA A N3     1 
ATOM 115 C C4     . DA A 1 4  ? 3.524   5.328   3.911   1.00 0.71 ? 4  DA A C4     1 
ATOM 116 H "H5'"  . DA A 1 4  ? 2.653   8.696   8.522   1.00 0.93 ? 4  DA A "H5'"  1 
ATOM 117 H "H5''" . DA A 1 4  ? 0.897   8.771   8.766   1.00 1.00 ? 4  DA A "H5''" 1 
ATOM 118 H "H4'"  . DA A 1 4  ? 1.501   9.657   6.568   1.00 0.95 ? 4  DA A "H4'"  1 
ATOM 119 H "H3'"  . DA A 1 4  ? -0.354  7.527   7.021   1.00 0.95 ? 4  DA A "H3'"  1 
ATOM 120 H "H2'"  . DA A 1 4  ? 0.388   5.967   5.583   1.00 0.85 ? 4  DA A "H2'"  1 
ATOM 121 H "H2''" . DA A 1 4  ? 0.022   7.104   4.258   1.00 0.89 ? 4  DA A "H2''" 1 
ATOM 122 H "H1'"  . DA A 1 4  ? 2.201   7.617   3.956   1.00 0.86 ? 4  DA A "H1'"  1 
ATOM 123 H H8     . DA A 1 4  ? 2.263   4.991   6.824   1.00 0.89 ? 4  DA A H8     1 
ATOM 124 H H61    . DA A 1 4  ? 5.897   1.727   3.084   1.00 0.64 ? 4  DA A H61    1 
ATOM 125 H H62    . DA A 1 4  ? 5.116   1.772   4.649   1.00 0.69 ? 4  DA A H62    1 
ATOM 126 H H2     . DA A 1 4  ? 4.830   5.564   0.993   1.00 0.64 ? 4  DA A H2     1 
ATOM 127 P P      . DC A 1 5  ? -1.974  8.684   4.803   1.00 1.01 ? 5  DC A P      1 
ATOM 128 O OP1    . DC A 1 5  ? -2.784  9.922   4.714   1.00 1.68 ? 5  DC A OP1    1 
ATOM 129 O OP2    . DC A 1 5  ? -2.565  7.456   5.401   1.00 1.63 ? 5  DC A OP2    1 
ATOM 130 O "O5'"  . DC A 1 5  ? -1.434  8.301   3.318   1.00 0.96 ? 5  DC A "O5'"  1 
ATOM 131 C "C5'"  . DC A 1 5  ? -0.753  9.280   2.509   1.00 1.02 ? 5  DC A "C5'"  1 
ATOM 132 C "C4'"  . DC A 1 5  ? -0.261  8.683   1.184   1.00 0.95 ? 5  DC A "C4'"  1 
ATOM 133 O "O4'"  . DC A 1 5  ? 0.680   7.603   1.410   1.00 0.87 ? 5  DC A "O4'"  1 
ATOM 134 C "C3'"  . DC A 1 5  ? -1.431  8.129   0.380   1.00 0.91 ? 5  DC A "C3'"  1 
ATOM 135 O "O3'"  . DC A 1 5  ? -1.530  8.776   -0.883  1.00 0.96 ? 5  DC A "O3'"  1 
ATOM 136 C "C2'"  . DC A 1 5  ? -1.152  6.656   0.222   1.00 0.81 ? 5  DC A "C2'"  1 
ATOM 137 C "C1'"  . DC A 1 5  ? 0.293   6.442   0.640   1.00 0.79 ? 5  DC A "C1'"  1 
ATOM 138 N N1     . DC A 1 5  ? 0.480   5.197   1.430   1.00 0.72 ? 5  DC A N1     1 
ATOM 139 C C2     . DC A 1 5  ? 1.414   4.278   0.964   1.00 0.68 ? 5  DC A C2     1 
ATOM 140 O O2     . DC A 1 5  ? 2.029   4.493   -0.078  1.00 0.70 ? 5  DC A O2     1 
ATOM 141 N N3     . DC A 1 5  ? 1.635   3.151   1.696   1.00 0.64 ? 5  DC A N3     1 
ATOM 142 C C4     . DC A 1 5  ? 0.963   2.916   2.827   1.00 0.63 ? 5  DC A C4     1 
ATOM 143 N N4     . DC A 1 5  ? 1.197   1.787   3.505   1.00 0.62 ? 5  DC A N4     1 
ATOM 144 C C5     . DC A 1 5  ? -0.016  3.847   3.306   1.00 0.69 ? 5  DC A C5     1 
ATOM 145 C C6     . DC A 1 5  ? -0.230  4.965   2.577   1.00 0.74 ? 5  DC A C6     1 
ATOM 146 H "H5'"  . DC A 1 5  ? 0.098   9.676   3.068   1.00 1.06 ? 5  DC A "H5'"  1 
ATOM 147 H "H5''" . DC A 1 5  ? -1.438  10.100  2.297   1.00 1.11 ? 5  DC A "H5''" 1 
ATOM 148 H "H4'"  . DC A 1 5  ? 0.235   9.467   0.611   1.00 1.02 ? 5  DC A "H4'"  1 
ATOM 149 H "H3'"  . DC A 1 5  ? -2.355  8.278   0.930   1.00 0.94 ? 5  DC A "H3'"  1 
ATOM 150 H "H2'"  . DC A 1 5  ? -1.817  6.085   0.867   1.00 0.78 ? 5  DC A "H2'"  1 
ATOM 151 H "H2''" . DC A 1 5  ? -1.287  6.357   -0.815  1.00 0.80 ? 5  DC A "H2''" 1 
ATOM 152 H "H1'"  . DC A 1 5  ? 0.910   6.390   -0.259  1.00 0.80 ? 5  DC A "H1'"  1 
ATOM 153 H H41    . DC A 1 5  ? 1.891   1.133   3.171   1.00 0.61 ? 5  DC A H41    1 
ATOM 154 H H42    . DC A 1 5  ? 0.696   1.597   4.363   1.00 0.63 ? 5  DC A H42    1 
ATOM 155 H H5     . DC A 1 5  ? -0.562  3.662   4.230   1.00 0.73 ? 5  DC A H5     1 
ATOM 156 H H6     . DC A 1 5  ? -0.965  5.693   2.912   1.00 0.81 ? 5  DC A H6     1 
ATOM 157 P P      . DA A 1 6  ? -2.596  8.275   -1.986  1.00 0.94 ? 6  DA A P      1 
ATOM 158 O OP1    . DA A 1 6  ? -2.804  9.350   -2.994  1.00 1.53 ? 6  DA A OP1    1 
ATOM 159 O OP2    . DA A 1 6  ? -3.764  7.712   -1.273  1.00 1.67 ? 6  DA A OP2    1 
ATOM 160 O "O5'"  . DA A 1 6  ? -1.802  7.085   -2.714  1.00 0.86 ? 6  DA A "O5'"  1 
ATOM 161 C "C5'"  . DA A 1 6  ? -0.766  7.426   -3.621  1.00 0.89 ? 6  DA A "C5'"  1 
ATOM 162 C "C4'"  . DA A 1 6  ? -0.377  6.260   -4.509  1.00 0.80 ? 6  DA A "C4'"  1 
ATOM 163 O "O4'"  . DA A 1 6  ? 0.174   5.180   -3.728  1.00 0.70 ? 6  DA A "O4'"  1 
ATOM 164 C "C3'"  . DA A 1 6  ? -1.583  5.728   -5.261  1.00 0.78 ? 6  DA A "C3'"  1 
ATOM 165 O "O3'"  . DA A 1 6  ? -1.275  5.569   -6.661  1.00 0.84 ? 6  DA A "O3'"  1 
ATOM 166 C "C2'"  . DA A 1 6  ? -1.892  4.400   -4.619  1.00 0.67 ? 6  DA A "C2'"  1 
ATOM 167 C "C1'"  . DA A 1 6  ? -0.662  4.013   -3.828  1.00 0.61 ? 6  DA A "C1'"  1 
ATOM 168 N N9     . DA A 1 6  ? -1.024  3.506   -2.495  1.00 0.54 ? 6  DA A N9     1 
ATOM 169 C C8     . DA A 1 6  ? -1.854  4.029   -1.557  1.00 0.57 ? 6  DA A C8     1 
ATOM 170 N N7     . DA A 1 6  ? -1.991  3.378   -0.452  1.00 0.53 ? 6  DA A N7     1 
ATOM 171 C C5     . DA A 1 6  ? -1.153  2.281   -0.670  1.00 0.46 ? 6  DA A C5     1 
ATOM 172 C C6     . DA A 1 6  ? -0.821  1.170   0.112   1.00 0.44 ? 6  DA A C6     1 
ATOM 173 N N6     . DA A 1 6  ? -1.303  0.973   1.338   1.00 0.47 ? 6  DA A N6     1 
ATOM 174 N N1     . DA A 1 6  ? 0.035   0.279   -0.414  1.00 0.47 ? 6  DA A N1     1 
ATOM 175 C C2     . DA A 1 6  ? 0.540   0.464   -1.635  1.00 0.49 ? 6  DA A C2     1 
ATOM 176 N N3     . DA A 1 6  ? 0.297   1.476   -2.456  1.00 0.49 ? 6  DA A N3     1 
ATOM 177 C C4     . DA A 1 6  ? -0.564  2.353   -1.912  1.00 0.48 ? 6  DA A C4     1 
ATOM 178 H "H5'"  . DA A 1 6  ? 0.103   7.750   -3.054  1.00 0.94 ? 6  DA A "H5'"  1 
ATOM 179 H "H5''" . DA A 1 6  ? -1.113  8.248   -4.243  1.00 0.99 ? 6  DA A "H5''" 1 
ATOM 180 H "H4'"  . DA A 1 6  ? 0.368   6.599   -5.229  1.00 0.86 ? 6  DA A "H4'"  1 
ATOM 181 H "H3'"  . DA A 1 6  ? -2.432  6.404   -5.132  1.00 0.84 ? 6  DA A "H3'"  1 
ATOM 182 H "H2'"  . DA A 1 6  ? -2.746  4.505   -3.950  1.00 0.66 ? 6  DA A "H2'"  1 
ATOM 183 H "H2''" . DA A 1 6  ? -2.102  3.646   -5.376  1.00 0.67 ? 6  DA A "H2''" 1 
ATOM 184 H "H1'"  . DA A 1 6  ? -0.118  3.239   -4.369  1.00 0.59 ? 6  DA A "H1'"  1 
ATOM 185 H H8     . DA A 1 6  ? -2.390  4.964   -1.734  1.00 0.66 ? 6  DA A H8     1 
ATOM 186 H H61    . DA A 1 6  ? -1.030  0.154   1.862   1.00 0.49 ? 6  DA A H61    1 
ATOM 187 H H62    . DA A 1 6  ? -1.938  1.646   1.745   1.00 0.49 ? 6  DA A H62    1 
ATOM 188 H H2     . DA A 1 6  ? 1.231   -0.299  -1.995  1.00 0.55 ? 6  DA A H2     1 
ATOM 189 P P      . DA A 1 7  ? -2.340  4.869   -7.664  1.00 0.89 ? 7  DA A P      1 
ATOM 190 O OP1    . DA A 1 7  ? -2.182  5.491   -9.002  1.00 1.68 ? 7  DA A OP1    1 
ATOM 191 O OP2    . DA A 1 7  ? -3.672  4.868   -7.007  1.00 1.51 ? 7  DA A OP2    1 
ATOM 192 O "O5'"  . DA A 1 7  ? -1.834  3.328   -7.732  1.00 0.82 ? 7  DA A "O5'"  1 
ATOM 193 C "C5'"  . DA A 1 7  ? -0.600  2.954   -8.371  1.00 0.97 ? 7  DA A "C5'"  1 
ATOM 194 C "C4'"  . DA A 1 7  ? -0.394  1.431   -8.312  1.00 0.88 ? 7  DA A "C4'"  1 
ATOM 195 O "O4'"  . DA A 1 7  ? -0.372  0.995   -6.935  1.00 0.77 ? 7  DA A "O4'"  1 
ATOM 196 C "C3'"  . DA A 1 7  ? -1.513  0.665   -9.033  1.00 0.87 ? 7  DA A "C3'"  1 
ATOM 197 O "O3'"  . DA A 1 7  ? -0.950  -0.310  -9.945  1.00 0.91 ? 7  DA A "O3'"  1 
ATOM 198 C "C2'"  . DA A 1 7  ? -2.284  -0.019  -7.929  1.00 0.75 ? 7  DA A "C2'"  1 
ATOM 199 C "C1'"  . DA A 1 7  ? -1.363  -0.039  -6.734  1.00 0.68 ? 7  DA A "C1'"  1 
ATOM 200 N N9     . DA A 1 7  ? -2.108  0.171   -5.470  1.00 0.61 ? 7  DA A N9     1 
ATOM 201 C C8     . DA A 1 7  ? -3.047  1.103   -5.169  1.00 0.62 ? 7  DA A C8     1 
ATOM 202 N N7     . DA A 1 7  ? -3.520  1.101   -3.970  1.00 0.58 ? 7  DA A N7     1 
ATOM 203 C C5     . DA A 1 7  ? -2.808  0.052   -3.389  1.00 0.52 ? 7  DA A C5     1 
ATOM 204 C C6     . DA A 1 7  ? -2.833  -0.530  -2.112  1.00 0.49 ? 7  DA A C6     1 
ATOM 205 N N6     . DA A 1 7  ? -3.615  -0.071  -1.140  1.00 0.50 ? 7  DA A N6     1 
ATOM 206 N N1     . DA A 1 7  ? -2.013  -1.568  -1.883  1.00 0.49 ? 7  DA A N1     1 
ATOM 207 C C2     . DA A 1 7  ? -1.207  -2.016  -2.854  1.00 0.52 ? 7  DA A C2     1 
ATOM 208 N N3     . DA A 1 7  ? -1.121  -1.572  -4.098  1.00 0.55 ? 7  DA A N3     1 
ATOM 209 C C4     . DA A 1 7  ? -1.959  -0.532  -4.306  1.00 0.55 ? 7  DA A C4     1 
ATOM 210 H "H5'"  . DA A 1 7  ? 0.233   3.442   -7.864  1.00 1.24 ? 7  DA A "H5'"  1 
ATOM 211 H "H5''" . DA A 1 7  ? -0.609  3.277   -9.415  1.00 1.31 ? 7  DA A "H5''" 1 
ATOM 212 H "H4'"  . DA A 1 7  ? 0.560   1.180   -8.765  1.00 0.96 ? 7  DA A "H4'"  1 
ATOM 213 H "H3'"  . DA A 1 7  ? -2.163  1.357   -9.563  1.00 0.94 ? 7  DA A "H3'"  1 
ATOM 214 H "H2'"  . DA A 1 7  ? -3.182  0.556   -7.696  1.00 0.76 ? 7  DA A "H2'"  1 
ATOM 215 H "H2''" . DA A 1 7  ? -2.553  -1.034  -8.213  1.00 0.75 ? 7  DA A "H2''" 1 
ATOM 216 H "H1'"  . DA A 1 7  ? -0.858  -1.005  -6.681  1.00 0.67 ? 7  DA A "H1'"  1 
ATOM 217 H H8     . DA A 1 7  ? -3.406  1.813   -5.916  1.00 0.69 ? 7  DA A H8     1 
ATOM 218 H H61    . DA A 1 7  ? -3.578  -0.510  -0.221  1.00 1.01 ? 7  DA A H61    1 
ATOM 219 H H62    . DA A 1 7  ? -4.232  0.703   -1.299  1.00 1.02 ? 7  DA A H62    1 
ATOM 220 H H2     . DA A 1 7  ? -0.587  -2.876  -2.603  1.00 0.55 ? 7  DA A H2     1 
ATOM 221 P P      . DG A 1 8  ? -1.850  -1.450  -10.673 1.00 1.22 ? 8  DG A P      1 
ATOM 222 O OP1    . DG A 1 8  ? -1.190  -1.809  -11.949 1.00 1.66 ? 8  DG A OP1    1 
ATOM 223 O OP2    . DG A 1 8  ? -3.267  -1.013  -10.680 1.00 2.25 ? 8  DG A OP2    1 
ATOM 224 O "O5'"  . DG A 1 8  ? -1.715  -2.714  -9.674  1.00 0.97 ? 8  DG A "O5'"  1 
ATOM 225 C "C5'"  . DG A 1 8  ? -0.524  -3.511  -9.662  1.00 0.97 ? 8  DG A "C5'"  1 
ATOM 226 C "C4'"  . DG A 1 8  ? -0.677  -4.765  -8.807  1.00 0.81 ? 8  DG A "C4'"  1 
ATOM 227 O "O4'"  . DG A 1 8  ? -0.951  -4.419  -7.427  1.00 0.71 ? 8  DG A "O4'"  1 
ATOM 228 C "C3'"  . DG A 1 8  ? -1.815  -5.632  -9.310  1.00 0.73 ? 8  DG A "C3'"  1 
ATOM 229 O "O3'"  . DG A 1 8  ? -1.369  -6.993  -9.389  1.00 0.74 ? 8  DG A "O3'"  1 
ATOM 230 C "C2'"  . DG A 1 8  ? -2.908  -5.449  -8.291  1.00 0.64 ? 8  DG A "C2'"  1 
ATOM 231 C "C1'"  . DG A 1 8  ? -2.206  -5.000  -7.026  1.00 0.62 ? 8  DG A "C1'"  1 
ATOM 232 N N9     . DG A 1 8  ? -3.038  -4.053  -6.269  1.00 0.57 ? 8  DG A N9     1 
ATOM 233 C C8     . DG A 1 8  ? -3.743  -2.971  -6.685  1.00 0.58 ? 8  DG A C8     1 
ATOM 234 N N7     . DG A 1 8  ? -4.503  -2.384  -5.822  1.00 0.56 ? 8  DG A N7     1 
ATOM 235 C C5     . DG A 1 8  ? -4.278  -3.152  -4.677  1.00 0.53 ? 8  DG A C5     1 
ATOM 236 C C6     . DG A 1 8  ? -4.816  -3.025  -3.370  1.00 0.54 ? 8  DG A C6     1 
ATOM 237 O O6     . DG A 1 8  ? -5.643  -2.213  -2.962  1.00 0.57 ? 8  DG A O6     1 
ATOM 238 N N1     . DG A 1 8  ? -4.304  -3.990  -2.514  1.00 0.54 ? 8  DG A N1     1 
ATOM 239 C C2     . DG A 1 8  ? -3.409  -4.980  -2.874  1.00 0.53 ? 8  DG A C2     1 
ATOM 240 N N2     . DG A 1 8  ? -3.033  -5.826  -1.919  1.00 0.54 ? 8  DG A N2     1 
ATOM 241 N N3     . DG A 1 8  ? -2.889  -5.094  -4.092  1.00 0.53 ? 8  DG A N3     1 
ATOM 242 C C4     . DG A 1 8  ? -3.358  -4.152  -4.937  1.00 0.54 ? 8  DG A C4     1 
ATOM 243 H "H5'"  . DG A 1 8  ? 0.296   -2.911  -9.266  1.00 1.05 ? 8  DG A "H5'"  1 
ATOM 244 H "H5''" . DG A 1 8  ? -0.281  -3.808  -10.684 1.00 1.08 ? 8  DG A "H5''" 1 
ATOM 245 H "H4'"  . DG A 1 8  ? 0.251   -5.333  -8.851  1.00 0.89 ? 8  DG A "H4'"  1 
ATOM 246 H "H3'"  . DG A 1 8  ? -2.142  -5.281  -10.292 1.00 0.79 ? 8  DG A "H3'"  1 
ATOM 247 H "H2'"  . DG A 1 8  ? -3.595  -4.668  -8.627  1.00 0.65 ? 8  DG A "H2'"  1 
ATOM 248 H "H2''" . DG A 1 8  ? -3.442  -6.377  -8.128  1.00 0.61 ? 8  DG A "H2''" 1 
ATOM 249 H "H1'"  . DG A 1 8  ? -2.015  -5.879  -6.404  1.00 0.62 ? 8  DG A "H1'"  1 
ATOM 250 H H8     . DG A 1 8  ? -3.675  -2.619  -7.712  1.00 0.62 ? 8  DG A H8     1 
ATOM 251 H H1     . DG A 1 8  ? -4.666  -3.980  -1.571  1.00 0.56 ? 8  DG A H1     1 
ATOM 252 H H21    . DG A 1 8  ? -3.412  -5.742  -0.988  1.00 0.57 ? 8  DG A H21    1 
ATOM 253 H H22    . DG A 1 8  ? -2.365  -6.556  -2.128  1.00 0.55 ? 8  DG A H22    1 
ATOM 254 P P      . DA A 1 9  ? -2.287  -8.136  -10.057 1.00 0.71 ? 9  DA A P      1 
ATOM 255 O OP1    . DA A 1 9  ? -2.139  -9.622  -9.981  1.00 1.69 ? 9  DA A OP1    1 
ATOM 256 O OP2    . DA A 1 9  ? -1.240  -7.894  -11.087 1.00 1.24 ? 9  DA A OP2    1 
ATOM 257 O "O5'"  . DA A 1 9  ? -2.223  -8.239  -8.440  1.00 0.64 ? 9  DA A "O5'"  1 
ATOM 258 C "C5'"  . DA A 1 9  ? -1.276  -9.130  -7.838  1.00 0.69 ? 9  DA A "C5'"  1 
ATOM 259 C "C4'"  . DA A 1 9  ? -1.836  -9.841  -6.616  1.00 0.66 ? 9  DA A "C4'"  1 
ATOM 260 O "O4'"  . DA A 1 9  ? -2.431  -8.907  -5.698  1.00 0.59 ? 9  DA A "O4'"  1 
ATOM 261 C "C3'"  . DA A 1 9  ? -2.886  -10.898 -6.976  1.00 0.66 ? 9  DA A "C3'"  1 
ATOM 262 O "O3'"  . DA A 1 9  ? -2.468  -12.183 -6.464  1.00 0.77 ? 9  DA A "O3'"  1 
ATOM 263 C "C2'"  . DA A 1 9  ? -4.161  -10.442 -6.313  1.00 0.58 ? 9  DA A "C2'"  1 
ATOM 264 C "C1'"  . DA A 1 9  ? -3.793  -9.287  -5.402  1.00 0.53 ? 9  DA A "C1'"  1 
ATOM 265 N N9     . DA A 1 9  ? -4.695  -8.148  -5.608  1.00 0.44 ? 9  DA A N9     1 
ATOM 266 C C8     . DA A 1 9  ? -5.037  -7.524  -6.760  1.00 0.42 ? 9  DA A C8     1 
ATOM 267 N N7     . DA A 1 9  ? -5.793  -6.486  -6.677  1.00 0.37 ? 9  DA A N7     1 
ATOM 268 C C5     . DA A 1 9  ? -5.993  -6.398  -5.298  1.00 0.35 ? 9  DA A C5     1 
ATOM 269 C C6     . DA A 1 9  ? -6.713  -5.501  -4.508  1.00 0.35 ? 9  DA A C6     1 
ATOM 270 N N6     . DA A 1 9  ? -7.373  -4.461  -5.017  1.00 0.37 ? 9  DA A N6     1 
ATOM 271 N N1     . DA A 1 9  ? -6.708  -5.702  -3.177  1.00 0.39 ? 9  DA A N1     1 
ATOM 272 C C2     . DA A 1 9  ? -6.025  -6.723  -2.653  1.00 0.42 ? 9  DA A C2     1 
ATOM 273 N N3     . DA A 1 9  ? -5.306  -7.629  -3.309  1.00 0.43 ? 9  DA A N3     1 
ATOM 274 C C4     . DA A 1 9  ? -5.329  -7.405  -4.638  1.00 0.39 ? 9  DA A C4     1 
ATOM 275 H "H5'"  . DA A 1 9  ? -0.383  -8.575  -7.558  1.00 0.71 ? 9  DA A "H5'"  1 
ATOM 276 H "H5''" . DA A 1 9  ? -1.001  -9.887  -8.576  1.00 0.78 ? 9  DA A "H5''" 1 
ATOM 277 H "H4'"  . DA A 1 9  ? -1.007  -10.338 -6.107  1.00 0.74 ? 9  DA A "H4'"  1 
ATOM 278 H "H3'"  . DA A 1 9  ? -3.023  -10.951 -8.057  1.00 0.68 ? 9  DA A "H3'"  1 
ATOM 279 H "H2'"  . DA A 1 9  ? -4.875  -10.112 -7.066  1.00 0.55 ? 9  DA A "H2'"  1 
ATOM 280 H "H2''" . DA A 1 9  ? -4.591  -11.255 -5.726  1.00 0.61 ? 9  DA A "H2''" 1 
ATOM 281 H "H1'"  . DA A 1 9  ? -3.852  -9.611  -4.362  1.00 0.56 ? 9  DA A "H1'"  1 
ATOM 282 H H8     . DA A 1 9  ? -4.693  -7.896  -7.727  1.00 0.48 ? 9  DA A H8     1 
ATOM 283 H H61    . DA A 1 9  ? -7.883  -3.839  -4.408  1.00 0.41 ? 9  DA A H61    1 
ATOM 284 H H62    . DA A 1 9  ? -7.354  -4.293  -6.013  1.00 0.38 ? 9  DA A H62    1 
ATOM 285 H H2     . DA A 1 9  ? -6.070  -6.829  -1.568  1.00 0.48 ? 9  DA A H2     1 
ATOM 286 P P      . DA A 1 10 ? -3.447  -13.477 -6.423  1.00 1.11 ? 10 DA A P      1 
ATOM 287 O OP1    . DA A 1 10 ? -2.650  -14.624 -5.938  1.00 1.45 ? 10 DA A OP1    1 
ATOM 288 O OP2    . DA A 1 10 ? -4.158  -13.568 -7.718  1.00 2.23 ? 10 DA A OP2    1 
ATOM 289 O "O5'"  . DA A 1 10 ? -4.523  -13.096 -5.276  1.00 0.94 ? 10 DA A "O5'"  1 
ATOM 290 C "C5'"  . DA A 1 10 ? -4.228  -13.313 -3.890  1.00 0.97 ? 10 DA A "C5'"  1 
ATOM 291 C "C4'"  . DA A 1 10 ? -5.457  -13.098 -3.006  1.00 0.87 ? 10 DA A "C4'"  1 
ATOM 292 O "O4'"  . DA A 1 10 ? -5.903  -11.720 -3.072  1.00 0.75 ? 10 DA A "O4'"  1 
ATOM 293 C "C3'"  . DA A 1 10 ? -6.617  -13.992 -3.443  1.00 0.90 ? 10 DA A "C3'"  1 
ATOM 294 O "O3'"  . DA A 1 10 ? -7.047  -14.835 -2.361  1.00 1.04 ? 10 DA A "O3'"  1 
ATOM 295 C "C2'"  . DA A 1 10 ? -7.714  -13.044 -3.864  1.00 0.82 ? 10 DA A "C2'"  1 
ATOM 296 C "C1'"  . DA A 1 10 ? -7.314  -11.670 -3.354  1.00 0.70 ? 10 DA A "C1'"  1 
ATOM 297 N N9     . DA A 1 10 ? -7.628  -10.606 -4.338  1.00 0.58 ? 10 DA A N9     1 
ATOM 298 C C8     . DA A 1 10 ? -7.334  -10.524 -5.661  1.00 0.55 ? 10 DA A C8     1 
ATOM 299 N N7     . DA A 1 10 ? -7.718  -9.465  -6.296  1.00 0.48 ? 10 DA A N7     1 
ATOM 300 C C5     . DA A 1 10 ? -8.350  -8.740  -5.281  1.00 0.44 ? 10 DA A C5     1 
ATOM 301 C C6     . DA A 1 10 ? -8.997  -7.498  -5.260  1.00 0.40 ? 10 DA A C6     1 
ATOM 302 N N6     . DA A 1 10 ? -9.113  -6.711  -6.333  1.00 0.41 ? 10 DA A N6     1 
ATOM 303 N N1     . DA A 1 10 ? -9.507  -7.086  -4.087  1.00 0.44 ? 10 DA A N1     1 
ATOM 304 C C2     . DA A 1 10 ? -9.392  -7.844  -2.996  1.00 0.50 ? 10 DA A C2     1 
ATOM 305 N N3     . DA A 1 10 ? -8.802  -9.033  -2.902  1.00 0.54 ? 10 DA A N3     1 
ATOM 306 C C4     . DA A 1 10 ? -8.299  -9.426  -4.087  1.00 0.50 ? 10 DA A C4     1 
ATOM 307 H "H5'"  . DA A 1 10 ? -3.448  -12.620 -3.581  1.00 1.04 ? 10 DA A "H5'"  1 
ATOM 308 H "H5''" . DA A 1 10 ? -3.871  -14.334 -3.755  1.00 1.09 ? 10 DA A "H5''" 1 
ATOM 309 H "H4'"  . DA A 1 10 ? -5.199  -13.333 -1.972  1.00 0.99 ? 10 DA A "H4'"  1 
ATOM 310 H "H3'"  . DA A 1 10 ? -6.311  -14.602 -4.292  1.00 0.98 ? 10 DA A "H3'"  1 
ATOM 311 H "H2'"  . DA A 1 10 ? -7.793  -13.032 -4.950  1.00 0.81 ? 10 DA A "H2'"  1 
ATOM 312 H "H2''" . DA A 1 10 ? -8.665  -13.344 -3.425  1.00 0.92 ? 10 DA A "H2''" 1 
ATOM 313 H "H1'"  . DA A 1 10 ? -7.853  -11.466 -2.429  1.00 0.80 ? 10 DA A "H1'"  1 
ATOM 314 H H8     . DA A 1 10 ? -6.794  -11.322 -6.172  1.00 0.63 ? 10 DA A H8     1 
ATOM 315 H H61    . DA A 1 10 ? -9.593  -5.823  -6.258  1.00 0.44 ? 10 DA A H61    1 
ATOM 316 H H62    . DA A 1 10 ? -8.723  -7.000  -7.218  1.00 0.44 ? 10 DA A H62    1 
ATOM 317 H H2     . DA A 1 10 ? -9.830  -7.445  -2.081  1.00 0.57 ? 10 DA A H2     1 
ATOM 318 P P      . DG A 1 11 ? -8.324  -15.814 -2.518  1.00 1.45 ? 11 DG A P      1 
ATOM 319 O OP1    . DG A 1 11 ? -8.079  -17.034 -1.716  1.00 2.10 ? 11 DG A OP1    1 
ATOM 320 O OP2    . DG A 1 11 ? -8.650  -15.931 -3.961  1.00 2.27 ? 11 DG A OP2    1 
ATOM 321 O "O5'"  . DG A 1 11 ? -9.496  -14.975 -1.799  1.00 1.30 ? 11 DG A "O5'"  1 
ATOM 322 C "C5'"  . DG A 1 11 ? -9.614  -14.982 -0.376  1.00 1.47 ? 11 DG A "C5'"  1 
ATOM 323 C "C4'"  . DG A 1 11 ? -11.020 -14.605 0.079   1.00 1.59 ? 11 DG A "C4'"  1 
ATOM 324 O "O4'"  . DG A 1 11 ? -11.284 -13.214 -0.191  1.00 1.46 ? 11 DG A "O4'"  1 
ATOM 325 C "C3'"  . DG A 1 11 ? -12.069 -15.444 -0.639  1.00 1.74 ? 11 DG A "C3'"  1 
ATOM 326 O "O3'"  . DG A 1 11 ? -12.872 -16.170 0.300   1.00 2.03 ? 11 DG A "O3'"  1 
ATOM 327 C "C2'"  . DG A 1 11 ? -12.910 -14.470 -1.425  1.00 1.65 ? 11 DG A "C2'"  1 
ATOM 328 C "C1'"  . DG A 1 11 ? -12.390 -13.074 -1.105  1.00 1.47 ? 11 DG A "C1'"  1 
ATOM 329 N N9     . DG A 1 11 ? -11.966 -12.362 -2.332  1.00 1.22 ? 11 DG A N9     1 
ATOM 330 C C8     . DG A 1 11 ? -11.156 -12.775 -3.340  1.00 1.14 ? 11 DG A C8     1 
ATOM 331 N N7     . DG A 1 11 ? -10.942 -11.952 -4.311  1.00 0.96 ? 11 DG A N7     1 
ATOM 332 C C5     . DG A 1 11 ? -11.696 -10.844 -3.918  1.00 0.90 ? 11 DG A C5     1 
ATOM 333 C C6     . DG A 1 11 ? -11.882 -9.593  -4.565  1.00 0.75 ? 11 DG A C6     1 
ATOM 334 O O6     . DG A 1 11 ? -11.409 -9.208  -5.631  1.00 0.67 ? 11 DG A O6     1 
ATOM 335 N N1     . DG A 1 11 ? -12.718 -8.759  -3.834  1.00 0.79 ? 11 DG A N1     1 
ATOM 336 C C2     . DG A 1 11 ? -13.302 -9.077  -2.624  1.00 0.97 ? 11 DG A C2     1 
ATOM 337 N N2     . DG A 1 11 ? -14.071 -8.139  -2.074  1.00 1.04 ? 11 DG A N2     1 
ATOM 338 N N3     . DG A 1 11 ? -13.137 -10.255 -2.011  1.00 1.12 ? 11 DG A N3     1 
ATOM 339 C C4     . DG A 1 11 ? -12.326 -11.086 -2.704  1.00 1.07 ? 11 DG A C4     1 
ATOM 340 H "H5'"  . DG A 1 11 ? -8.904  -14.270 0.040   1.00 1.80 ? 11 DG A "H5'"  1 
ATOM 341 H "H5''" . DG A 1 11 ? -9.378  -15.979 -0.010  1.00 1.43 ? 11 DG A "H5''" 1 
ATOM 342 H "H4'"  . DG A 1 11 ? -11.102 -14.778 1.151   1.00 1.74 ? 11 DG A "H4'"  1 
ATOM 343 H "H3'"  . DG A 1 11 ? -11.579 -16.139 -1.325  1.00 1.76 ? 11 DG A "H3'"  1 
ATOM 344 H "HO3'" . DG A 1 11 ? -13.196 -15.541 0.947   1.00 2.14 ? 11 DG A "HO3'" 1 
ATOM 345 H "H2'"  . DG A 1 11 ? -12.816 -14.672 -2.491  1.00 1.61 ? 11 DG A "H2'"  1 
ATOM 346 H "H2''" . DG A 1 11 ? -13.955 -14.554 -1.122  1.00 1.77 ? 11 DG A "H2''" 1 
ATOM 347 H "H1'"  . DG A 1 11 ? -13.181 -12.503 -0.621  1.00 1.58 ? 11 DG A "H1'"  1 
ATOM 348 H H8     . DG A 1 11 ? -10.699 -13.765 -3.330  1.00 1.24 ? 11 DG A H8     1 
ATOM 349 H H1     . DG A 1 11 ? -12.900 -7.854  -4.242  1.00 0.73 ? 11 DG A H1     1 
ATOM 350 H H21    . DG A 1 11 ? -14.202 -7.253  -2.542  1.00 0.96 ? 11 DG A H21    1 
ATOM 351 H H22    . DG A 1 11 ? -14.520 -8.311  -1.185  1.00 1.20 ? 11 DG A H22    1 
ATOM 352 O "O5'"  . DC B 2 1  ? -17.245 -2.925  -8.627  1.00 1.71 ? 12 DC B "O5'"  1 
ATOM 353 C "C5'"  . DC B 2 1  ? -18.414 -3.153  -7.834  1.00 1.24 ? 12 DC B "C5'"  1 
ATOM 354 C "C4'"  . DC B 2 1  ? -18.072 -3.342  -6.355  1.00 1.12 ? 12 DC B "C4'"  1 
ATOM 355 O "O4'"  . DC B 2 1  ? -17.333 -4.563  -6.147  1.00 1.00 ? 12 DC B "O4'"  1 
ATOM 356 C "C3'"  . DC B 2 1  ? -17.243 -2.188  -5.808  1.00 1.10 ? 12 DC B "C3'"  1 
ATOM 357 O "O3'"  . DC B 2 1  ? -17.961 -1.549  -4.729  1.00 1.17 ? 12 DC B "O3'"  1 
ATOM 358 C "C2'"  . DC B 2 1  ? -15.953 -2.812  -5.319  1.00 0.97 ? 12 DC B "C2'"  1 
ATOM 359 C "C1'"  . DC B 2 1  ? -16.166 -4.310  -5.347  1.00 0.90 ? 12 DC B "C1'"  1 
ATOM 360 N N1     . DC B 2 1  ? -14.993 -4.998  -5.906  1.00 0.82 ? 12 DC B N1     1 
ATOM 361 C C2     . DC B 2 1  ? -14.307 -5.876  -5.080  1.00 0.74 ? 12 DC B C2     1 
ATOM 362 O O2     . DC B 2 1  ? -14.681 -6.069  -3.925  1.00 0.74 ? 12 DC B O2     1 
ATOM 363 N N3     . DC B 2 1  ? -13.218 -6.514  -5.584  1.00 0.68 ? 12 DC B N3     1 
ATOM 364 C C4     . DC B 2 1  ? -12.817 -6.299  -6.844  1.00 0.72 ? 12 DC B C4     1 
ATOM 365 N N4     . DC B 2 1  ? -11.754 -6.950  -7.303  1.00 0.71 ? 12 DC B N4     1 
ATOM 366 C C5     . DC B 2 1  ? -13.518 -5.394  -7.697  1.00 0.80 ? 12 DC B C5     1 
ATOM 367 C C6     . DC B 2 1  ? -14.596 -4.768  -7.190  1.00 0.85 ? 12 DC B C6     1 
ATOM 368 H "H5'"  . DC B 2 1  ? -18.917 -4.053  -8.197  1.00 1.34 ? 12 DC B "H5'"  1 
ATOM 369 H "H5''" . DC B 2 1  ? -19.085 -2.306  -7.943  1.00 1.49 ? 12 DC B "H5''" 1 
ATOM 370 H "H4'"  . DC B 2 1  ? -19.000 -3.400  -5.785  1.00 1.19 ? 12 DC B "H4'"  1 
ATOM 371 H "H3'"  . DC B 2 1  ? -17.010 -1.468  -6.606  1.00 1.16 ? 12 DC B "H3'"  1 
ATOM 372 H "H2'"  . DC B 2 1  ? -15.132 -2.542  -5.986  1.00 0.95 ? 12 DC B "H2'"  1 
ATOM 373 H "H2''" . DC B 2 1  ? -15.724 -2.483  -4.304  1.00 0.97 ? 12 DC B "H2''" 1 
ATOM 374 H "H1'"  . DC B 2 1  ? -16.346 -4.671  -4.333  1.00 0.89 ? 12 DC B "H1'"  1 
ATOM 375 H H41    . DC B 2 1  ? -11.258 -7.590  -6.702  1.00 0.67 ? 12 DC B H41    1 
ATOM 376 H H42    . DC B 2 1  ? -11.444 -6.804  -8.251  1.00 0.76 ? 12 DC B H42    1 
ATOM 377 H H5     . DC B 2 1  ? -13.190 -5.213  -8.722  1.00 0.85 ? 12 DC B H5     1 
ATOM 378 H H6     . DC B 2 1  ? -15.160 -4.075  -7.815  1.00 0.93 ? 12 DC B H6     1 
ATOM 379 H "HO5'" . DC B 2 1  ? -17.094 -3.730  -9.149  1.00 1.97 ? 12 DC B "HO5'" 1 
ATOM 380 P P      . DT B 2 2  ? -17.256 -0.403  -3.817  1.00 1.20 ? 13 DT B P      1 
ATOM 381 O OP1    . DT B 2 2  ? -18.342 0.345   -3.126  1.00 1.81 ? 13 DT B OP1    1 
ATOM 382 O OP2    . DT B 2 2  ? -16.288 0.350   -4.655  1.00 1.80 ? 13 DT B OP2    1 
ATOM 383 O "O5'"  . DT B 2 2  ? -16.392 -1.247  -2.728  1.00 1.05 ? 13 DT B "O5'"  1 
ATOM 384 C "C5'"  . DT B 2 2  ? -17.034 -2.121  -1.760  1.00 1.04 ? 13 DT B "C5'"  1 
ATOM 385 C "C4'"  . DT B 2 2  ? -15.988 -2.839  -0.906  1.00 0.93 ? 13 DT B "C4'"  1 
ATOM 386 O "O4'"  . DT B 2 2  ? -15.211 -3.773  -1.690  1.00 0.81 ? 13 DT B "O4'"  1 
ATOM 387 C "C3'"  . DT B 2 2  ? -15.014 -1.844  -0.286  1.00 0.94 ? 13 DT B "C3'"  1 
ATOM 388 O "O3'"  . DT B 2 2  ? -15.217 -1.757  1.136   1.00 1.00 ? 13 DT B "O3'"  1 
ATOM 389 C "C2'"  . DT B 2 2  ? -13.628 -2.358  -0.624  1.00 0.83 ? 13 DT B "C2'"  1 
ATOM 390 C "C1'"  . DT B 2 2  ? -13.819 -3.688  -1.326  1.00 0.74 ? 13 DT B "C1'"  1 
ATOM 391 N N1     . DT B 2 2  ? -12.952 -3.811  -2.516  1.00 0.67 ? 13 DT B N1     1 
ATOM 392 C C2     . DT B 2 2  ? -12.120 -4.921  -2.599  1.00 0.58 ? 13 DT B C2     1 
ATOM 393 O O2     . DT B 2 2  ? -12.073 -5.772  -1.718  1.00 0.57 ? 13 DT B O2     1 
ATOM 394 N N3     . DT B 2 2  ? -11.333 -5.015  -3.737  1.00 0.53 ? 13 DT B N3     1 
ATOM 395 C C4     . DT B 2 2  ? -11.306 -4.112  -4.779  1.00 0.57 ? 13 DT B C4     1 
ATOM 396 O O4     . DT B 2 2  ? -10.573 -4.300  -5.749  1.00 0.54 ? 13 DT B O4     1 
ATOM 397 C C5     . DT B 2 2  ? -12.200 -2.984  -4.612  1.00 0.66 ? 13 DT B C5     1 
ATOM 398 C C7     . DT B 2 2  ? -12.249 -1.903  -5.682  1.00 0.74 ? 13 DT B C7     1 
ATOM 399 C C6     . DT B 2 2  ? -12.976 -2.872  -3.513  1.00 0.71 ? 13 DT B C6     1 
ATOM 400 H "H5'"  . DT B 2 2  ? -17.648 -2.863  -2.277  1.00 1.04 ? 13 DT B "H5'"  1 
ATOM 401 H "H5''" . DT B 2 2  ? -17.688 -1.533  -1.107  1.00 1.14 ? 13 DT B "H5''" 1 
ATOM 402 H "H4'"  . DT B 2 2  ? -16.487 -3.382  -0.107  1.00 0.96 ? 13 DT B "H4'"  1 
ATOM 403 H "H3'"  . DT B 2 2  ? -15.150 -0.858  -0.740  1.00 1.01 ? 13 DT B "H3'"  1 
ATOM 404 H "H2'"  . DT B 2 2  ? -13.132 -1.653  -1.293  1.00 0.83 ? 13 DT B "H2'"  1 
ATOM 405 H "H2''" . DT B 2 2  ? -13.037 -2.492  0.278   1.00 0.83 ? 13 DT B "H2''" 1 
ATOM 406 H "H1'"  . DT B 2 2  ? -13.588 -4.496  -0.633  1.00 0.71 ? 13 DT B "H1'"  1 
ATOM 407 H H3     . DT B 2 2  ? -10.727 -5.809  -3.805  1.00 0.48 ? 13 DT B H3     1 
ATOM 408 H H71    . DT B 2 2  ? -11.727 -1.012  -5.326  1.00 1.15 ? 13 DT B H71    1 
ATOM 409 H H72    . DT B 2 2  ? -13.290 -1.649  -5.900  1.00 1.34 ? 13 DT B H72    1 
ATOM 410 H H73    . DT B 2 2  ? -11.768 -2.265  -6.594  1.00 1.26 ? 13 DT B H73    1 
ATOM 411 H H6     . DT B 2 2  ? -13.637 -2.010  -3.419  1.00 0.79 ? 13 DT B H6     1 
ATOM 412 P P      . DT B 2 3  ? -14.142 -1.015  2.099   1.00 1.03 ? 14 DT B P      1 
ATOM 413 O OP1    . DT B 2 3  ? -14.820 -0.669  3.377   1.00 1.67 ? 14 DT B OP1    1 
ATOM 414 O OP2    . DT B 2 3  ? -13.464 0.055   1.319   1.00 1.69 ? 14 DT B OP2    1 
ATOM 415 O "O5'"  . DT B 2 3  ? -13.069 -2.184  2.406   1.00 0.92 ? 14 DT B "O5'"  1 
ATOM 416 C "C5'"  . DT B 2 3  ? -13.496 -3.409  3.012   1.00 0.91 ? 14 DT B "C5'"  1 
ATOM 417 C "C4'"  . DT B 2 3  ? -12.367 -4.435  3.076   1.00 0.81 ? 14 DT B "C4'"  1 
ATOM 418 O "O4'"  . DT B 2 3  ? -11.906 -4.764  1.741   1.00 0.71 ? 14 DT B "O4'"  1 
ATOM 419 C "C3'"  . DT B 2 3  ? -11.165 -3.917  3.874   1.00 0.82 ? 14 DT B "C3'"  1 
ATOM 420 O "O3'"  . DT B 2 3  ? -10.876 -4.776  4.999   1.00 0.84 ? 14 DT B "O3'"  1 
ATOM 421 C "C2'"  . DT B 2 3  ? -10.015 -3.929  2.905   1.00 0.74 ? 14 DT B "C2'"  1 
ATOM 422 C "C1'"  . DT B 2 3  ? -10.469 -4.746  1.716   1.00 0.65 ? 14 DT B "C1'"  1 
ATOM 423 N N1     . DT B 2 3  ? -9.962  -4.195  0.447   1.00 0.60 ? 14 DT B N1     1 
ATOM 424 C C2     . DT B 2 3  ? -9.112  -4.995  -0.299  1.00 0.49 ? 14 DT B C2     1 
ATOM 425 O O2     . DT B 2 3  ? -8.764  -6.106  0.081   1.00 0.45 ? 14 DT B O2     1 
ATOM 426 N N3     . DT B 2 3  ? -8.663  -4.467  -1.493  1.00 0.46 ? 14 DT B N3     1 
ATOM 427 C C4     . DT B 2 3  ? -8.988  -3.225  -2.000  1.00 0.52 ? 14 DT B C4     1 
ATOM 428 O O4     . DT B 2 3  ? -8.535  -2.855  -3.085  1.00 0.50 ? 14 DT B O4     1 
ATOM 429 C C5     . DT B 2 3  ? -9.874  -2.450  -1.160  1.00 0.63 ? 14 DT B C5     1 
ATOM 430 C C7     . DT B 2 3  ? -10.289 -1.052  -1.602  1.00 0.73 ? 14 DT B C7     1 
ATOM 431 C C6     . DT B 2 3  ? -10.328 -2.946  0.009   1.00 0.67 ? 14 DT B C6     1 
ATOM 432 H "H5'"  . DT B 2 3  ? -14.319 -3.824  2.429   1.00 0.92 ? 14 DT B "H5'"  1 
ATOM 433 H "H5''" . DT B 2 3  ? -13.851 -3.197  4.017   1.00 1.00 ? 14 DT B "H5''" 1 
ATOM 434 H "H4'"  . DT B 2 3  ? -12.741 -5.338  3.552   1.00 0.82 ? 14 DT B "H4'"  1 
ATOM 435 H "H3'"  . DT B 2 3  ? -11.353 -2.894  4.210   1.00 0.89 ? 14 DT B "H3'"  1 
ATOM 436 H "H2'"  . DT B 2 3  ? -9.780  -2.907  2.589   1.00 0.76 ? 14 DT B "H2'"  1 
ATOM 437 H "H2''" . DT B 2 3  ? -9.139  -4.386  3.357   1.00 0.73 ? 14 DT B "H2''" 1 
ATOM 438 H "H1'"  . DT B 2 3  ? -10.104 -5.766  1.829   1.00 0.61 ? 14 DT B "H1'"  1 
ATOM 439 H H3     . DT B 2 3  ? -8.043  -5.032  -2.038  1.00 0.40 ? 14 DT B H3     1 
ATOM 440 H H71    . DT B 2 3  ? -9.923  -0.316  -0.882  1.00 1.06 ? 14 DT B H71    1 
ATOM 441 H H72    . DT B 2 3  ? -11.379 -0.992  -1.654  1.00 1.38 ? 14 DT B H72    1 
ATOM 442 H H73    . DT B 2 3  ? -9.869  -0.836  -2.587  1.00 1.29 ? 14 DT B H73    1 
ATOM 443 H H6     . DT B 2 3  ? -10.996 -2.337  0.623   1.00 0.76 ? 14 DT B H6     1 
ATOM 444 P P      . DC B 2 4  ? -9.560  -4.562  5.927   1.00 1.07 ? 15 DC B P      1 
ATOM 445 O OP1    . DC B 2 4  ? -9.763  -5.317  7.183   1.00 1.72 ? 15 DC B OP1    1 
ATOM 446 O OP2    . DC B 2 4  ? -9.257  -3.111  5.986   1.00 1.96 ? 15 DC B OP2    1 
ATOM 447 O "O5'"  . DC B 2 4  ? -8.378  -5.292  5.082   1.00 0.88 ? 15 DC B "O5'"  1 
ATOM 448 C "C5'"  . DC B 2 4  ? -8.278  -6.726  5.032   1.00 0.86 ? 15 DC B "C5'"  1 
ATOM 449 C "C4'"  . DC B 2 4  ? -6.984  -7.215  4.366   1.00 0.71 ? 15 DC B "C4'"  1 
ATOM 450 O "O4'"  . DC B 2 4  ? -6.921  -6.814  2.973   1.00 0.63 ? 15 DC B "O4'"  1 
ATOM 451 C "C3'"  . DC B 2 4  ? -5.772  -6.673  5.064   1.00 0.67 ? 15 DC B "C3'"  1 
ATOM 452 O "O3'"  . DC B 2 4  ? -4.802  -7.798  5.294   1.00 0.66 ? 15 DC B "O3'"  1 
ATOM 453 C "C2'"  . DC B 2 4  ? -5.278  -5.573  4.137   1.00 0.60 ? 15 DC B "C2'"  1 
ATOM 454 C "C1'"  . DC B 2 4  ? -5.771  -5.966  2.760   1.00 0.57 ? 15 DC B "C1'"  1 
ATOM 455 N N1     . DC B 2 4  ? -6.106  -4.785  1.913   1.00 0.55 ? 15 DC B N1     1 
ATOM 456 C C2     . DC B 2 4  ? -5.558  -4.751  0.634   1.00 0.52 ? 15 DC B C2     1 
ATOM 457 O O2     . DC B 2 4  ? -4.924  -5.714  0.205   1.00 0.51 ? 15 DC B O2     1 
ATOM 458 N N3     . DC B 2 4  ? -5.762  -3.645  -0.131  1.00 0.52 ? 15 DC B N3     1 
ATOM 459 C C4     . DC B 2 4  ? -6.475  -2.610  0.324   1.00 0.55 ? 15 DC B C4     1 
ATOM 460 N N4     . DC B 2 4  ? -6.595  -1.518  -0.436  1.00 0.56 ? 15 DC B N4     1 
ATOM 461 C C5     . DC B 2 4  ? -7.051  -2.636  1.632   1.00 0.58 ? 15 DC B C5     1 
ATOM 462 C C6     . DC B 2 4  ? -6.848  -3.739  2.389   1.00 0.59 ? 15 DC B C6     1 
ATOM 463 H "H5'"  . DC B 2 4  ? -9.128  -7.113  4.467   1.00 0.91 ? 15 DC B "H5'"  1 
ATOM 464 H "H5''" . DC B 2 4  ? -8.322  -7.121  6.047   1.00 0.94 ? 15 DC B "H5''" 1 
ATOM 465 H "H4'"  . DC B 2 4  ? -6.951  -8.298  4.428   1.00 0.75 ? 15 DC B "H4'"  1 
ATOM 466 H "H3'"  . DC B 2 4  ? -6.071  -6.221  6.026   1.00 0.74 ? 15 DC B "H3'"  1 
ATOM 467 H "H2'"  . DC B 2 4  ? -5.723  -4.607  4.425   1.00 0.62 ? 15 DC B "H2'"  1 
ATOM 468 H "H2''" . DC B 2 4  ? -4.198  -5.504  4.163   1.00 0.59 ? 15 DC B "H2''" 1 
ATOM 469 H "H1'"  . DC B 2 4  ? -4.985  -6.542  2.267   1.00 0.55 ? 15 DC B "H1'"  1 
ATOM 470 H H41    . DC B 2 4  ? -6.184  -1.500  -1.359  1.00 0.55 ? 15 DC B H41    1 
ATOM 471 H H42    . DC B 2 4  ? -7.103  -0.715  -0.093  1.00 0.58 ? 15 DC B H42    1 
ATOM 472 H H5     . DC B 2 4  ? -7.632  -1.794  2.009   1.00 0.62 ? 15 DC B H5     1 
ATOM 473 H H6     . DC B 2 4  ? -7.304  -3.806  3.374   1.00 0.63 ? 15 DC B H6     1 
ATOM 474 P P      . DT B 2 5  ? -3.511  -7.465  6.185   1.00 0.66 ? 16 DT B P      1 
ATOM 475 O OP1    . DT B 2 5  ? -2.587  -8.592  6.514   1.00 1.40 ? 16 DT B OP1    1 
ATOM 476 O OP2    . DT B 2 5  ? -4.662  -7.242  7.121   1.00 1.52 ? 16 DT B OP2    1 
ATOM 477 O "O5'"  . DT B 2 5  ? -3.208  -7.242  4.629   1.00 0.61 ? 16 DT B "O5'"  1 
ATOM 478 C "C5'"  . DT B 2 5  ? -2.715  -8.528  4.092   1.00 0.62 ? 16 DT B "C5'"  1 
ATOM 479 C "C4'"  . DT B 2 5  ? -1.628  -8.416  3.071   1.00 0.60 ? 16 DT B "C4'"  1 
ATOM 480 O "O4'"  . DT B 2 5  ? -1.976  -7.523  2.018   1.00 0.55 ? 16 DT B "O4'"  1 
ATOM 481 C "C3'"  . DT B 2 5  ? -0.331  -7.957  3.697   1.00 0.62 ? 16 DT B "C3'"  1 
ATOM 482 O "O3'"  . DT B 2 5  ? 0.650   -8.966  3.434   1.00 0.68 ? 16 DT B "O3'"  1 
ATOM 483 C "C2'"  . DT B 2 5  ? 0.019   -6.665  3.005   1.00 0.58 ? 16 DT B "C2'"  1 
ATOM 484 C "C1'"  . DT B 2 5  ? -0.930  -6.558  1.824   1.00 0.54 ? 16 DT B "C1'"  1 
ATOM 485 N N1     . DT B 2 5  ? -1.522  -5.220  1.687   1.00 0.51 ? 16 DT B N1     1 
ATOM 486 C C2     . DT B 2 5  ? -1.395  -4.591  0.459   1.00 0.51 ? 16 DT B C2     1 
ATOM 487 O O2     . DT B 2 5  ? -0.820  -5.114  -0.492  1.00 0.53 ? 16 DT B O2     1 
ATOM 488 N N3     . DT B 2 5  ? -1.975  -3.340  0.358   1.00 0.51 ? 16 DT B N3     1 
ATOM 489 C C4     . DT B 2 5  ? -2.655  -2.676  1.364   1.00 0.52 ? 16 DT B C4     1 
ATOM 490 O O4     . DT B 2 5  ? -3.125  -1.563  1.162   1.00 0.55 ? 16 DT B O4     1 
ATOM 491 C C5     . DT B 2 5  ? -2.744  -3.408  2.609   1.00 0.53 ? 16 DT B C5     1 
ATOM 492 C C7     . DT B 2 5  ? -3.430  -2.768  3.802   1.00 0.59 ? 16 DT B C7     1 
ATOM 493 C C6     . DT B 2 5  ? -2.189  -4.633  2.729   1.00 0.53 ? 16 DT B C6     1 
ATOM 494 H "H5'"  . DT B 2 5  ? -3.541  -9.143  3.697   1.00 0.63 ? 16 DT B "H5'"  1 
ATOM 495 H "H5''" . DT B 2 5  ? -2.288  -9.076  4.938   1.00 0.68 ? 16 DT B "H5''" 1 
ATOM 496 H "H4'"  . DT B 2 5  ? -1.466  -9.403  2.644   1.00 0.63 ? 16 DT B "H4'"  1 
ATOM 497 H "H3'"  . DT B 2 5  ? -0.453  -7.791  4.772   1.00 0.65 ? 16 DT B "H3'"  1 
ATOM 498 H "H2'"  . DT B 2 5  ? -0.113  -5.813  3.683   1.00 0.59 ? 16 DT B "H2'"  1 
ATOM 499 H "H2''" . DT B 2 5  ? 1.047   -6.698  2.651   1.00 0.61 ? 16 DT B "H2''" 1 
ATOM 500 H "H1'"  . DT B 2 5  ? -0.393  -6.808  0.911   1.00 0.55 ? 16 DT B "H1'"  1 
ATOM 501 H H3     . DT B 2 5  ? -1.896  -2.869  -0.526  1.00 0.53 ? 16 DT B H3     1 
ATOM 502 H H71    . DT B 2 5  ? -2.695  -2.597  4.595   1.00 1.32 ? 16 DT B H71    1 
ATOM 503 H H72    . DT B 2 5  ? -4.219  -3.431  4.171   1.00 1.06 ? 16 DT B H72    1 
ATOM 504 H H73    . DT B 2 5  ? -3.870  -1.811  3.497   1.00 1.17 ? 16 DT B H73    1 
ATOM 505 H H6     . DT B 2 5  ? -2.299  -5.181  3.662   1.00 0.56 ? 16 DT B H6     1 
ATOM 506 P P      . DT B 2 6  ? 2.216   -8.672  3.616   1.00 0.75 ? 17 DT B P      1 
ATOM 507 O OP1    . DT B 2 6  ? 2.911   -9.963  3.773   1.00 1.36 ? 17 DT B OP1    1 
ATOM 508 O OP2    . DT B 2 6  ? 2.326   -7.644  4.692   1.00 1.65 ? 17 DT B OP2    1 
ATOM 509 O "O5'"  . DT B 2 6  ? 2.676   -7.922  2.229   1.00 0.71 ? 17 DT B "O5'"  1 
ATOM 510 C "C5'"  . DT B 2 6  ? 2.881   -8.489  0.909   1.00 0.72 ? 17 DT B "C5'"  1 
ATOM 511 C "C4'"  . DT B 2 6  ? 3.309   -7.377  -0.087  1.00 0.70 ? 17 DT B "C4'"  1 
ATOM 512 O "O4'"  . DT B 2 6  ? 2.311   -6.335  -0.130  1.00 0.61 ? 17 DT B "O4'"  1 
ATOM 513 C "C3'"  . DT B 2 6  ? 4.658   -6.720  0.263   1.00 0.75 ? 17 DT B "C3'"  1 
ATOM 514 O "O3'"  . DT B 2 6  ? 5.585   -7.013  -0.797  1.00 0.81 ? 17 DT B "O3'"  1 
ATOM 515 C "C2'"  . DT B 2 6  ? 4.365   -5.243  0.373   1.00 0.66 ? 17 DT B "C2'"  1 
ATOM 516 C "C1'"  . DT B 2 6  ? 2.960   -5.058  -0.167  1.00 0.59 ? 17 DT B "C1'"  1 
ATOM 517 N N1     . DT B 2 6  ? 2.224   -4.071  0.624   1.00 0.54 ? 17 DT B N1     1 
ATOM 518 C C2     . DT B 2 6  ? 1.637   -3.018  -0.051  1.00 0.51 ? 17 DT B C2     1 
ATOM 519 O O2     . DT B 2 6  ? 1.726   -2.891  -1.269  1.00 0.52 ? 17 DT B O2     1 
ATOM 520 N N3     . DT B 2 6  ? 0.948   -2.107  0.724   1.00 0.48 ? 17 DT B N3     1 
ATOM 521 C C4     . DT B 2 6  ? 0.800   -2.164  2.096   1.00 0.49 ? 17 DT B C4     1 
ATOM 522 O O4     . DT B 2 6  ? 0.150   -1.301  2.690   1.00 0.48 ? 17 DT B O4     1 
ATOM 523 C C5     . DT B 2 6  ? 1.451   -3.296  2.721   1.00 0.53 ? 17 DT B C5     1 
ATOM 524 C C7     . DT B 2 6  ? 1.377   -3.489  4.223   1.00 0.57 ? 17 DT B C7     1 
ATOM 525 C C6     . DT B 2 6  ? 2.123   -4.191  1.978   1.00 0.55 ? 17 DT B C6     1 
ATOM 526 H "H5'"  . DT B 2 6  ? 1.952   -8.938  0.542   1.00 0.70 ? 17 DT B "H5'"  1 
ATOM 527 H "H5''" . DT B 2 6  ? 3.653   -9.258  0.942   1.00 0.80 ? 17 DT B "H5''" 1 
ATOM 528 H "H4'"  . DT B 2 6  ? 3.390   -7.808  -1.094  1.00 0.73 ? 17 DT B "H4'"  1 
ATOM 529 H "H3'"  . DT B 2 6  ? 5.031   -7.109  1.213   1.00 0.81 ? 17 DT B "H3'"  1 
ATOM 530 H "H2'"  . DT B 2 6  ? 4.403   -4.936  1.420   1.00 0.66 ? 17 DT B "H2'"  1 
ATOM 531 H "H2''" . DT B 2 6  ? 5.070   -4.662  -0.214  1.00 0.67 ? 17 DT B "H2''" 1 
ATOM 532 H "H1'"  . DT B 2 6  ? 3.021   -4.722  -1.197  1.00 0.59 ? 17 DT B "H1'"  1 
ATOM 533 H H3     . DT B 2 6  ? 0.523   -1.333  0.249   1.00 0.47 ? 17 DT B H3     1 
ATOM 534 H H71    . DT B 2 6  ? 2.162   -4.178  4.541   1.00 1.16 ? 17 DT B H71    1 
ATOM 535 H H72    . DT B 2 6  ? 0.407   -3.905  4.491   1.00 1.18 ? 17 DT B H72    1 
ATOM 536 H H73    . DT B 2 6  ? 1.514   -2.532  4.724   1.00 0.99 ? 17 DT B H73    1 
ATOM 537 H H6     . DT B 2 6  ? 2.606   -5.035  2.478   1.00 0.59 ? 17 DT B H6     1 
ATOM 538 P P      . DG B 2 7  ? 7.026   -6.302  -0.975  1.00 0.88 ? 18 DG B P      1 
ATOM 539 O OP1    . DG B 2 7  ? 7.866   -7.213  -1.786  1.00 1.49 ? 18 DG B OP1    1 
ATOM 540 O OP2    . DG B 2 7  ? 7.521   -5.867  0.350   1.00 1.64 ? 18 DG B OP2    1 
ATOM 541 O "O5'"  . DG B 2 7  ? 6.699   -4.963  -1.857  1.00 0.92 ? 18 DG B "O5'"  1 
ATOM 542 C "C5'"  . DG B 2 7  ? 6.321   -5.037  -3.254  1.00 0.77 ? 18 DG B "C5'"  1 
ATOM 543 C "C4'"  . DG B 2 7  ? 6.380   -3.659  -3.932  1.00 0.69 ? 18 DG B "C4'"  1 
ATOM 544 O "O4'"  . DG B 2 7  ? 5.418   -2.747  -3.347  1.00 0.73 ? 18 DG B "O4'"  1 
ATOM 545 C "C3'"  . DG B 2 7  ? 7.763   -3.047  -3.769  1.00 0.62 ? 18 DG B "C3'"  1 
ATOM 546 O "O3'"  . DG B 2 7  ? 8.244   -2.539  -5.018  1.00 0.59 ? 18 DG B "O3'"  1 
ATOM 547 C "C2'"  . DG B 2 7  ? 7.580   -1.949  -2.748  1.00 0.58 ? 18 DG B "C2'"  1 
ATOM 548 C "C1'"  . DG B 2 7  ? 6.096   -1.623  -2.749  1.00 0.63 ? 18 DG B "C1'"  1 
ATOM 549 N N9     . DG B 2 7  ? 5.564   -1.356  -1.392  1.00 0.63 ? 18 DG B N9     1 
ATOM 550 C C8     . DG B 2 7  ? 5.684   -2.071  -0.242  1.00 0.65 ? 18 DG B C8     1 
ATOM 551 N N7     . DG B 2 7  ? 5.049   -1.643  0.802   1.00 0.65 ? 18 DG B N7     1 
ATOM 552 C C5     . DG B 2 7  ? 4.424   -0.495  0.304   1.00 0.64 ? 18 DG B C5     1 
ATOM 553 C C6     . DG B 2 7  ? 3.574   0.438   0.957   1.00 0.64 ? 18 DG B C6     1 
ATOM 554 O O6     . DG B 2 7  ? 3.183   0.431   2.122   1.00 0.66 ? 18 DG B O6     1 
ATOM 555 N N1     . DG B 2 7  ? 3.171   1.451   0.095   1.00 0.64 ? 18 DG B N1     1 
ATOM 556 C C2     . DG B 2 7  ? 3.526   1.554   -1.235  1.00 0.64 ? 18 DG B C2     1 
ATOM 557 N N2     . DG B 2 7  ? 3.028   2.592   -1.907  1.00 0.66 ? 18 DG B N2     1 
ATOM 558 N N3     . DG B 2 7  ? 4.328   0.683   -1.852  1.00 0.63 ? 18 DG B N3     1 
ATOM 559 C C4     . DG B 2 7  ? 4.741   -0.308  -1.033  1.00 0.63 ? 18 DG B C4     1 
ATOM 560 H "H5'"  . DG B 2 7  ? 5.307   -5.431  -3.329  1.00 0.83 ? 18 DG B "H5'"  1 
ATOM 561 H "H5''" . DG B 2 7  ? 6.999   -5.716  -3.773  1.00 1.09 ? 18 DG B "H5''" 1 
ATOM 562 H "H4'"  . DG B 2 7  ? 6.155   -3.773  -4.996  1.00 0.69 ? 18 DG B "H4'"  1 
ATOM 563 H "H3'"  . DG B 2 7  ? 8.452   -3.798  -3.395  1.00 0.63 ? 18 DG B "H3'"  1 
ATOM 564 H "H2'"  . DG B 2 7  ? 7.887   -2.306  -1.767  1.00 0.60 ? 18 DG B "H2'"  1 
ATOM 565 H "H2''" . DG B 2 7  ? 8.156   -1.070  -3.026  1.00 0.54 ? 18 DG B "H2''" 1 
ATOM 566 H "H1'"  . DG B 2 7  ? 5.932   -0.742  -3.370  1.00 0.62 ? 18 DG B "H1'"  1 
ATOM 567 H H8     . DG B 2 7  ? 6.288   -2.978  -0.199  1.00 0.66 ? 18 DG B H8     1 
ATOM 568 H H1     . DG B 2 7  ? 2.563   2.151   0.495   1.00 0.65 ? 18 DG B H1     1 
ATOM 569 H H21    . DG B 2 7  ? 2.426   3.254   -1.437  1.00 0.67 ? 18 DG B H21    1 
ATOM 570 H H22    . DG B 2 7  ? 3.247   2.712   -2.883  1.00 0.67 ? 18 DG B H22    1 
ATOM 571 P P      . DT B 2 8  ? 9.527   -1.543  -5.061  1.00 0.53 ? 19 DT B P      1 
ATOM 572 O OP1    . DT B 2 8  ? 10.134  -1.586  -6.427  1.00 1.49 ? 19 DT B OP1    1 
ATOM 573 O OP2    . DT B 2 8  ? 10.377  -1.827  -3.883  1.00 1.28 ? 19 DT B OP2    1 
ATOM 574 O "O5'"  . DT B 2 8  ? 8.862   -0.093  -4.854  1.00 0.52 ? 19 DT B "O5'"  1 
ATOM 575 C "C5'"  . DT B 2 8  ? 7.967   0.376   -5.869  1.00 0.62 ? 19 DT B "C5'"  1 
ATOM 576 C "C4'"  . DT B 2 8  ? 7.520   1.794   -5.595  1.00 0.67 ? 19 DT B "C4'"  1 
ATOM 577 O "O4'"  . DT B 2 8  ? 6.740   1.859   -4.384  1.00 0.66 ? 19 DT B "O4'"  1 
ATOM 578 C "C3'"  . DT B 2 8  ? 8.715   2.718   -5.443  1.00 0.64 ? 19 DT B "C3'"  1 
ATOM 579 O "O3'"  . DT B 2 8  ? 8.588   3.834   -6.362  1.00 0.78 ? 19 DT B "O3'"  1 
ATOM 580 C "C2'"  . DT B 2 8  ? 8.680   3.169   -4.005  1.00 0.57 ? 19 DT B "C2'"  1 
ATOM 581 C "C1'"  . DT B 2 8  ? 7.286   2.856   -3.510  1.00 0.60 ? 19 DT B "C1'"  1 
ATOM 582 N N1     . DT B 2 8  ? 7.289   2.397   -2.118  1.00 0.53 ? 19 DT B N1     1 
ATOM 583 C C2     . DT B 2 8  ? 6.453   3.056   -1.239  1.00 0.55 ? 19 DT B C2     1 
ATOM 584 O O2     . DT B 2 8  ? 5.725   3.972   -1.597  1.00 0.63 ? 19 DT B O2     1 
ATOM 585 N N3     . DT B 2 8  ? 6.478   2.623   0.072   1.00 0.53 ? 19 DT B N3     1 
ATOM 586 C C4     . DT B 2 8  ? 7.262   1.603   0.572   1.00 0.50 ? 19 DT B C4     1 
ATOM 587 O O4     . DT B 2 8  ? 7.201   1.299   1.764   1.00 0.53 ? 19 DT B O4     1 
ATOM 588 C C5     . DT B 2 8  ? 8.112   0.963   -0.411  1.00 0.46 ? 19 DT B C5     1 
ATOM 589 C C7     . DT B 2 8  ? 9.050   -0.155  0.020   1.00 0.46 ? 19 DT B C7     1 
ATOM 590 C C6     . DT B 2 8  ? 8.098   1.369   -1.698  1.00 0.47 ? 19 DT B C6     1 
ATOM 591 H "H5'"  . DT B 2 8  ? 7.091   -0.271  -5.909  1.00 0.68 ? 19 DT B "H5'"  1 
ATOM 592 H "H5''" . DT B 2 8  ? 8.470   0.337   -6.838  1.00 0.64 ? 19 DT B "H5''" 1 
ATOM 593 H "H4'"  . DT B 2 8  ? 6.914   2.148   -6.430  1.00 0.78 ? 19 DT B "H4'"  1 
ATOM 594 H "H3'"  . DT B 2 8  ? 9.645   2.167   -5.625  1.00 0.59 ? 19 DT B "H3'"  1 
ATOM 595 H "H2'"  . DT B 2 8  ? 9.416   2.610   -3.421  1.00 0.48 ? 19 DT B "H2'"  1 
ATOM 596 H "H2''" . DT B 2 8  ? 8.875   4.236   -3.920  1.00 0.61 ? 19 DT B "H2''" 1 
ATOM 597 H "H1'"  . DT B 2 8  ? 6.674   3.755   -3.586  1.00 0.69 ? 19 DT B "H1'"  1 
ATOM 598 H H3     . DT B 2 8  ? 5.881   3.098   0.720   1.00 0.56 ? 19 DT B H3     1 
ATOM 599 H H71    . DT B 2 8  ? 10.046  0.252   0.205   1.00 1.04 ? 19 DT B H71    1 
ATOM 600 H H72    . DT B 2 8  ? 9.111   -0.910  -0.767  1.00 1.08 ? 19 DT B H72    1 
ATOM 601 H H73    . DT B 2 8  ? 8.675   -0.618  0.936   1.00 1.15 ? 19 DT B H73    1 
ATOM 602 H H6     . DT B 2 8  ? 8.742   0.861   -2.421  1.00 0.45 ? 19 DT B H6     1 
ATOM 603 P P      . DC B 2 9  ? 9.496   5.161   -6.176  1.00 0.87 ? 20 DC B P      1 
ATOM 604 O OP1    . DC B 2 9  ? 9.598   5.824   -7.497  1.00 1.66 ? 20 DC B OP1    1 
ATOM 605 O OP2    . DC B 2 9  ? 10.737  4.800   -5.439  1.00 1.47 ? 20 DC B OP2    1 
ATOM 606 O "O5'"  . DC B 2 9  ? 8.610   6.076   -5.173  1.00 0.91 ? 20 DC B "O5'"  1 
ATOM 607 C "C5'"  . DC B 2 9  ? 7.301   6.580   -5.543  1.00 1.05 ? 20 DC B "C5'"  1 
ATOM 608 C "C4'"  . DC B 2 9  ? 6.838   7.616   -4.523  1.00 1.02 ? 20 DC B "C4'"  1 
ATOM 609 O "O4'"  . DC B 2 9  ? 6.642   6.998   -3.232  1.00 0.90 ? 20 DC B "O4'"  1 
ATOM 610 C "C3'"  . DC B 2 9  ? 7.868   8.729   -4.368  1.00 1.02 ? 20 DC B "C3'"  1 
ATOM 611 O "O3'"  . DC B 2 9  ? 7.235   9.986   -4.620  1.00 1.14 ? 20 DC B "O3'"  1 
ATOM 612 C "C2'"  . DC B 2 9  ? 8.369   8.617   -2.945  1.00 0.85 ? 20 DC B "C2'"  1 
ATOM 613 C "C1'"  . DC B 2 9  ? 7.410   7.684   -2.225  1.00 0.79 ? 20 DC B "C1'"  1 
ATOM 614 N N1     . DC B 2 9  ? 8.135   6.715   -1.371  1.00 0.64 ? 20 DC B N1     1 
ATOM 615 C C2     . DC B 2 9  ? 7.746   6.617   -0.041  1.00 0.59 ? 20 DC B C2     1 
ATOM 616 O O2     . DC B 2 9  ? 6.861   7.345   0.405   1.00 0.66 ? 20 DC B O2     1 
ATOM 617 N N3     . DC B 2 9  ? 8.377   5.707   0.746   1.00 0.51 ? 20 DC B N3     1 
ATOM 618 C C4     . DC B 2 9  ? 9.350   4.927   0.257   1.00 0.46 ? 20 DC B C4     1 
ATOM 619 N N4     . DC B 2 9  ? 9.936   4.036   1.054   1.00 0.45 ? 20 DC B N4     1 
ATOM 620 C C5     . DC B 2 9  ? 9.756   5.027   -1.107  1.00 0.51 ? 20 DC B C5     1 
ATOM 621 C C6     . DC B 2 9  ? 9.126   5.929   -1.883  1.00 0.62 ? 20 DC B C6     1 
ATOM 622 H "H5'"  . DC B 2 9  ? 6.586   5.752   -5.567  1.00 1.08 ? 20 DC B "H5'"  1 
ATOM 623 H "H5''" . DC B 2 9  ? 7.335   7.034   -6.539  1.00 1.17 ? 20 DC B "H5''" 1 
ATOM 624 H "H4'"  . DC B 2 9  ? 5.903   8.049   -4.854  1.00 1.13 ? 20 DC B "H4'"  1 
ATOM 625 H "H3'"  . DC B 2 9  ? 8.699   8.568   -5.062  1.00 1.06 ? 20 DC B "H3'"  1 
ATOM 626 H "H2'"  . DC B 2 9  ? 9.377   8.186   -2.937  1.00 0.81 ? 20 DC B "H2'"  1 
ATOM 627 H "H2''" . DC B 2 9  ? 8.382   9.591   -2.462  1.00 0.87 ? 20 DC B "H2''" 1 
ATOM 628 H "H1'"  . DC B 2 9  ? 6.738   8.277   -1.602  1.00 0.81 ? 20 DC B "H1'"  1 
ATOM 629 H H41    . DC B 2 9  ? 9.651   3.959   2.021   1.00 0.50 ? 20 DC B H41    1 
ATOM 630 H H42    . DC B 2 9  ? 10.663  3.435   0.692   1.00 0.44 ? 20 DC B H42    1 
ATOM 631 H H5     . DC B 2 9  ? 10.554  4.400   -1.505  1.00 0.52 ? 20 DC B H5     1 
ATOM 632 H H6     . DC B 2 9  ? 9.412   6.032   -2.930  1.00 0.71 ? 20 DC B H6     1 
ATOM 633 P P      . DC B 2 10 ? 7.949   11.393  -4.299  1.00 1.19 ? 21 DC B P      1 
ATOM 634 O OP1    . DC B 2 10 ? 7.226   12.460  -5.037  1.00 1.82 ? 21 DC B OP1    1 
ATOM 635 O OP2    . DC B 2 10 ? 9.404   11.240  -4.506  1.00 1.78 ? 21 DC B OP2    1 
ATOM 636 O "O5'"  . DC B 2 10 ? 7.704   11.580  -2.705  1.00 1.06 ? 21 DC B "O5'"  1 
ATOM 637 C "C5'"  . DC B 2 10 ? 6.412   11.883  -2.128  1.00 1.09 ? 21 DC B "C5'"  1 
ATOM 638 C "C4'"  . DC B 2 10 ? 6.570   12.209  -0.642  1.00 1.02 ? 21 DC B "C4'"  1 
ATOM 639 O "O4'"  . DC B 2 10 ? 6.995   11.041  0.093   1.00 0.86 ? 21 DC B "O4'"  1 
ATOM 640 C "C3'"  . DC B 2 10 ? 7.607   13.309  -0.422  1.00 1.07 ? 21 DC B "C3'"  1 
ATOM 641 O "O3'"  . DC B 2 10 ? 6.989   14.422  0.252   1.00 1.18 ? 21 DC B "O3'"  1 
ATOM 642 C "C2'"  . DC B 2 10 ? 8.690   12.673  0.418   1.00 0.95 ? 21 DC B "C2'"  1 
ATOM 643 C "C1'"  . DC B 2 10 ? 8.112   11.367  0.935   1.00 0.80 ? 21 DC B "C1'"  1 
ATOM 644 N N1     . DC B 2 10 ? 9.118   10.284  0.917   1.00 0.68 ? 21 DC B N1     1 
ATOM 645 C C2     . DC B 2 10 ? 9.291   9.559   2.085   1.00 0.58 ? 21 DC B C2     1 
ATOM 646 O O2     . DC B 2 10 ? 8.647   9.842   3.093   1.00 0.59 ? 21 DC B O2     1 
ATOM 647 N N3     . DC B 2 10 ? 10.194  8.543   2.084   1.00 0.51 ? 21 DC B N3     1 
ATOM 648 C C4     . DC B 2 10 ? 10.900  8.250   0.986   1.00 0.57 ? 21 DC B C4     1 
ATOM 649 N N4     . DC B 2 10 ? 11.770  7.245   1.021   1.00 0.58 ? 21 DC B N4     1 
ATOM 650 C C5     . DC B 2 10 ? 10.729  8.994   -0.220  1.00 0.68 ? 21 DC B C5     1 
ATOM 651 C C6     . DC B 2 10 ? 9.832   9.998   -0.212  1.00 0.73 ? 21 DC B C6     1 
ATOM 652 H "H5'"  . DC B 2 10 ? 5.751   11.017  -2.235  1.00 1.09 ? 21 DC B "H5'"  1 
ATOM 653 H "H5''" . DC B 2 10 ? 5.958   12.736  -2.642  1.00 1.21 ? 21 DC B "H5''" 1 
ATOM 654 H "H4'"  . DC B 2 10 ? 5.615   12.545  -0.248  1.00 1.09 ? 21 DC B "H4'"  1 
ATOM 655 H "H3'"  . DC B 2 10 ? 8.029   13.623  -1.381  1.00 1.16 ? 21 DC B "H3'"  1 
ATOM 656 H "H2'"  . DC B 2 10 ? 9.569   12.471  -0.197  1.00 0.96 ? 21 DC B "H2'"  1 
ATOM 657 H "H2''" . DC B 2 10 ? 8.965   13.320  1.254   1.00 0.99 ? 21 DC B "H2''" 1 
ATOM 658 H "H1'"  . DC B 2 10 ? 7.760   11.511  1.957   1.00 0.80 ? 21 DC B "H1'"  1 
ATOM 659 H H41    . DC B 2 10 ? 11.895  6.714   1.872   1.00 0.54 ? 21 DC B H41    1 
ATOM 660 H H42    . DC B 2 10 ? 12.305  7.010   0.197   1.00 0.66 ? 21 DC B H42    1 
ATOM 661 H H5     . DC B 2 10 ? 11.309  8.761   -1.113  1.00 0.75 ? 21 DC B H5     1 
ATOM 662 H H6     . DC B 2 10 ? 9.678   10.588  -1.115  1.00 0.83 ? 21 DC B H6     1 
ATOM 663 P P      . DG B 2 11 ? 7.846   15.658  0.852   1.00 1.31 ? 22 DG B P      1 
ATOM 664 O OP1    . DG B 2 11 ? 7.004   16.878  0.788   1.00 1.79 ? 22 DG B OP1    1 
ATOM 665 O OP2    . DG B 2 11 ? 9.172   15.671  0.194   1.00 1.98 ? 22 DG B OP2    1 
ATOM 666 O "O5'"  . DG B 2 11 ? 8.075   15.246  2.411   1.00 1.26 ? 22 DG B "O5'"  1 
ATOM 667 C "C5'"  . DG B 2 11 ? 7.007   15.223  3.392   1.00 1.32 ? 22 DG B "C5'"  1 
ATOM 668 C "C4'"  . DG B 2 11 ? 7.574   14.937  4.794   1.00 1.31 ? 22 DG B "C4'"  1 
ATOM 669 O "O4'"  . DG B 2 11 ? 8.147   13.612  4.848   1.00 1.12 ? 22 DG B "O4'"  1 
ATOM 670 C "C3'"  . DG B 2 11 ? 8.671   15.938  5.170   1.00 1.43 ? 22 DG B "C3'"  1 
ATOM 671 O "O3'"  . DG B 2 11 ? 8.366   16.600  6.409   1.00 1.58 ? 22 DG B "O3'"  1 
ATOM 672 C "C2'"  . DG B 2 11 ? 9.928   15.128  5.309   1.00 1.32 ? 22 DG B "C2'"  1 
ATOM 673 C "C1'"  . DG B 2 11 ? 9.496   13.673  5.358   1.00 1.12 ? 22 DG B "C1'"  1 
ATOM 674 N N9     . DG B 2 11 ? 10.399  12.809  4.570   1.00 0.97 ? 22 DG B N9     1 
ATOM 675 C C8     . DG B 2 11 ? 10.817  12.931  3.283   1.00 0.98 ? 22 DG B C8     1 
ATOM 676 N N7     . DG B 2 11 ? 11.581  12.001  2.813   1.00 0.89 ? 22 DG B N7     1 
ATOM 677 C C5     . DG B 2 11 ? 11.696  11.144  3.912   1.00 0.78 ? 22 DG B C5     1 
ATOM 678 C C6     . DG B 2 11 ? 12.412  9.926   4.043   1.00 0.70 ? 22 DG B C6     1 
ATOM 679 O O6     . DG B 2 11 ? 13.081  9.338   3.198   1.00 0.75 ? 22 DG B O6     1 
ATOM 680 N N1     . DG B 2 11 ? 12.268  9.386   5.315   1.00 0.66 ? 22 DG B N1     1 
ATOM 681 C C2     . DG B 2 11 ? 11.527  9.942   6.338   1.00 0.69 ? 22 DG B C2     1 
ATOM 682 N N2     . DG B 2 11 ? 11.515  9.270   7.490   1.00 0.71 ? 22 DG B N2     1 
ATOM 683 N N3     . DG B 2 11 ? 10.852  11.088  6.223   1.00 0.79 ? 22 DG B N3     1 
ATOM 684 C C4     . DG B 2 11 ? 10.978  11.635  4.993   1.00 0.82 ? 22 DG B C4     1 
ATOM 685 H "H5'"  . DG B 2 11 ? 6.291   14.439  3.133   1.00 1.27 ? 22 DG B "H5'"  1 
ATOM 686 H "H5''" . DG B 2 11 ? 6.487   16.186  3.403   1.00 1.48 ? 22 DG B "H5''" 1 
ATOM 687 H "H4'"  . DG B 2 11 ? 6.766   15.003  5.527   1.00 1.40 ? 22 DG B "H4'"  1 
ATOM 688 H "H3'"  . DG B 2 11 ? 8.792   16.672  4.373   1.00 1.52 ? 22 DG B "H3'"  1 
ATOM 689 H "HO3'" . DG B 2 11 ? 8.918   16.204  7.088   1.00 1.86 ? 22 DG B "HO3'" 1 
ATOM 690 H "H2'"  . DG B 2 11 ? 10.575  15.296  4.452   1.00 1.32 ? 22 DG B "H2'"  1 
ATOM 691 H "H2''" . DG B 2 11 ? 10.451  15.391  6.232   1.00 1.40 ? 22 DG B "H2''" 1 
ATOM 692 H "H1'"  . DG B 2 11 ? 9.498   13.334  6.396   1.00 1.13 ? 22 DG B "H1'"  1 
ATOM 693 H H8     . DG B 2 11 ? 10.532  13.787  2.672   1.00 1.11 ? 22 DG B H8     1 
ATOM 694 H H1     . DG B 2 11 ? 12.755  8.517   5.479   1.00 0.66 ? 22 DG B H1     1 
ATOM 695 H H21    . DG B 2 11 ? 12.025  8.401   7.573   1.00 0.70 ? 22 DG B H21    1 
ATOM 696 H H22    . DG B 2 11 ? 10.992  9.625   8.277   1.00 0.79 ? 22 DG B H22    1 
# 
